data_8SRM
#
_entry.id   8SRM
#
_cell.length_a   1.00
_cell.length_b   1.00
_cell.length_c   1.00
_cell.angle_alpha   90.00
_cell.angle_beta   90.00
_cell.angle_gamma   90.00
#
_symmetry.space_group_name_H-M   'P 1'
#
loop_
_entity.id
_entity.type
_entity.pdbx_description
1 polymer 'RB1-inducible coiled-coil protein 1'
2 polymer 'Serine/threonine-protein kinase ULK1'
3 polymer 'Autophagy-related protein 13'
#
loop_
_entity_poly.entity_id
_entity_poly.type
_entity_poly.pdbx_seq_one_letter_code
_entity_poly.pdbx_strand_id
1 'polypeptide(L)'
;MKLYVFLVNTGTTLTFDTELTVQTVADLKHAIQSKYKIAIQHQVLVVNGGECMAADRRVCTYSAGTDTNPIFLFNKEMIL
CDRPPAIPKTTFSTENDMEIKVEESLMMPAVFHTVASRTQLALEMYEVAKKLCSFCEGLVHDEHLQHQGWAAIMANLEDC
SNSYQKLLFKFESIYSNYLQSIEDIKLKLTHLGTAVSVMAKIPLLECLTRHSYRECLGRLDSLPEHEDSEKAEMKRSTEL
VLSPDMPRTTNESLLTSFPKSVEHVSPDTADAESGKEIRESCQSTVHQQDETTIDTKDGDLPFFNVSLLDWINVQDRPND
VESLVRKCFDSMSRLDPRIIRPFIAECRQTIAKLDNQNMKAIKGLEDRLYALDQMIASCGRLVNEQKELAQGFLANQKRA
ENLKDASVLPDLCLSHANQLMIMLQNHRKLLDIKQKCTTAKQELANNLHVRLKWCCFVMLHADQDGEKLQALLRLVIELL
ERVKIVEALSTVPQMYCLAVVEVVRRKMFIKHYREWAGALVKDGKRLYEAEKSKRESFGKLFRKSFLRNRLFRGLDSWPP
SFCTQKPRKFDCELPDISLKDLQFLQSFCPSEVQPFLRVPLLCDFEPLHQHVLALHNLVKAAQSLDEMSQTITDLLSEQK
;
A,B
2 'polypeptide(L)'
;MEQEHTEILRGLRFTLLFVQHVLEIAALKGSASEAAGGPEYQLQESVVADQISLLSREWGFAEQLVLYLKVAELLSSGLQ
SAIDQIRAGKLCLSSTVKQVVRRLNELYKASVVSCQGLSLRLQRFFLDKQRLLDRIHSITAERLIFSHAVQMVQSAALDE
MFQHREGCVPRYHKALLLLEGLQHMLSDQADIENVTKCKLCIERRLSALLTGICA
;
C,D
3 'polypeptide(L)' KPAFSKDDILPMDLGTFYREFQNPPQLSSLSIDIGAQSMAEDLDSLPEKLAVHEKNVREFDAFVETLQGSDEA E,F
#
# COMPACT_ATOMS: atom_id res chain seq x y z
N MET A 1 34.71 -17.06 41.13
CA MET A 1 35.66 -16.62 42.15
C MET A 1 35.01 -15.61 43.10
N LYS A 2 35.01 -15.91 44.39
CA LYS A 2 34.41 -15.04 45.38
C LYS A 2 35.12 -13.69 45.42
N LEU A 3 34.34 -12.64 45.63
CA LEU A 3 34.86 -11.28 45.57
C LEU A 3 35.64 -10.93 46.83
N TYR A 4 36.65 -10.07 46.65
CA TYR A 4 37.42 -9.49 47.74
C TYR A 4 37.38 -7.98 47.61
N VAL A 5 36.89 -7.30 48.65
CA VAL A 5 36.60 -5.88 48.60
C VAL A 5 37.02 -5.24 49.91
N PHE A 6 36.68 -3.96 50.06
CA PHE A 6 36.98 -3.19 51.26
C PHE A 6 35.68 -2.72 51.91
N LEU A 7 35.77 -2.43 53.20
CA LEU A 7 34.66 -1.85 53.96
C LEU A 7 35.24 -0.91 55.00
N VAL A 8 35.12 0.40 54.74
CA VAL A 8 35.77 1.39 55.60
C VAL A 8 35.25 1.28 57.02
N ASN A 9 33.94 1.14 57.18
CA ASN A 9 33.38 0.95 58.50
C ASN A 9 33.81 -0.37 59.13
N THR A 10 34.37 -1.29 58.34
CA THR A 10 34.82 -2.57 58.85
C THR A 10 36.31 -2.78 58.58
N GLY A 11 37.10 -1.72 58.75
CA GLY A 11 38.53 -1.83 58.54
C GLY A 11 38.92 -2.08 57.10
N THR A 12 38.20 -1.51 56.14
CA THR A 12 38.58 -1.52 54.73
C THR A 12 38.76 -2.94 54.19
N THR A 13 37.98 -3.89 54.69
CA THR A 13 38.04 -5.26 54.22
C THR A 13 36.63 -5.78 53.99
N LEU A 14 36.49 -6.63 52.97
CA LEU A 14 35.17 -7.15 52.62
C LEU A 14 35.33 -8.38 51.75
N THR A 15 34.32 -9.23 51.78
CA THR A 15 34.24 -10.41 50.93
C THR A 15 32.82 -10.55 50.41
N PHE A 16 32.69 -11.26 49.29
CA PHE A 16 31.38 -11.42 48.65
C PHE A 16 31.41 -12.68 47.80
N ASP A 17 30.25 -13.00 47.23
CA ASP A 17 30.11 -14.20 46.41
C ASP A 17 30.69 -13.97 45.01
N THR A 18 30.83 -15.07 44.27
CA THR A 18 31.37 -14.99 42.92
C THR A 18 30.42 -14.25 41.98
N GLU A 19 29.11 -14.43 42.16
CA GLU A 19 28.15 -13.62 41.39
C GLU A 19 28.32 -12.15 41.72
N LEU A 20 28.55 -11.83 43.00
CA LEU A 20 28.87 -10.46 43.37
C LEU A 20 30.16 -10.00 42.70
N THR A 21 31.05 -10.95 42.37
CA THR A 21 32.33 -10.60 41.76
C THR A 21 32.22 -10.38 40.27
N VAL A 22 31.32 -11.07 39.60
CA VAL A 22 31.30 -11.06 38.14
C VAL A 22 29.98 -10.52 37.58
N GLN A 23 28.88 -10.74 38.30
CA GLN A 23 27.57 -10.39 37.77
C GLN A 23 27.23 -8.94 38.15
N THR A 24 25.95 -8.60 37.97
CA THR A 24 25.48 -7.26 38.31
C THR A 24 25.70 -7.00 39.79
N VAL A 25 25.96 -5.73 40.12
CA VAL A 25 26.24 -5.35 41.50
C VAL A 25 25.04 -5.53 42.41
N ALA A 26 23.89 -5.93 41.87
CA ALA A 26 22.79 -6.38 42.73
C ALA A 26 23.19 -7.65 43.47
N ASP A 27 23.97 -8.52 42.82
CA ASP A 27 24.54 -9.66 43.52
C ASP A 27 25.45 -9.20 44.64
N LEU A 28 26.19 -8.10 44.43
CA LEU A 28 27.00 -7.52 45.50
C LEU A 28 26.11 -6.97 46.61
N LYS A 29 24.97 -6.39 46.24
CA LYS A 29 24.03 -5.91 47.25
C LYS A 29 23.54 -7.06 48.12
N HIS A 30 23.22 -8.20 47.50
CA HIS A 30 22.80 -9.37 48.26
C HIS A 30 23.95 -9.90 49.12
N ALA A 31 25.16 -9.97 48.55
CA ALA A 31 26.32 -10.48 49.27
C ALA A 31 26.78 -9.53 50.37
N ILE A 32 26.28 -8.29 50.38
CA ILE A 32 26.54 -7.40 51.49
C ILE A 32 26.05 -8.01 52.79
N GLN A 33 24.86 -8.64 52.74
CA GLN A 33 24.37 -9.37 53.89
C GLN A 33 25.30 -10.52 54.24
N SER A 34 26.09 -11.00 53.28
CA SER A 34 27.05 -12.06 53.54
C SER A 34 28.36 -11.48 54.08
N LYS A 35 29.33 -12.36 54.31
CA LYS A 35 30.63 -11.99 54.85
C LYS A 35 30.50 -11.27 56.19
N TYR A 36 29.52 -11.70 56.99
CA TYR A 36 29.27 -11.17 58.33
C TYR A 36 29.05 -9.65 58.27
N LYS A 37 28.01 -9.26 57.55
CA LYS A 37 27.68 -7.84 57.41
C LYS A 37 26.19 -7.71 57.10
N ILE A 38 25.71 -6.48 57.18
CA ILE A 38 24.32 -6.17 56.86
C ILE A 38 24.19 -6.02 55.35
N ALA A 39 22.96 -6.18 54.87
CA ALA A 39 22.70 -6.10 53.43
C ALA A 39 22.85 -4.65 52.95
N ILE A 40 22.67 -4.47 51.64
CA ILE A 40 22.83 -3.15 51.04
C ILE A 40 21.74 -2.20 51.51
N GLN A 41 20.64 -2.73 52.04
CA GLN A 41 19.65 -1.87 52.67
C GLN A 41 20.25 -1.14 53.87
N HIS A 42 21.27 -1.71 54.48
CA HIS A 42 22.01 -1.08 55.57
C HIS A 42 23.48 -0.91 55.20
N GLN A 43 23.77 -0.66 53.94
CA GLN A 43 25.14 -0.50 53.48
C GLN A 43 25.18 0.33 52.21
N VAL A 44 26.35 0.87 51.91
CA VAL A 44 26.59 1.61 50.67
C VAL A 44 28.04 1.40 50.28
N LEU A 45 28.26 1.15 48.98
CA LEU A 45 29.60 0.79 48.52
C LEU A 45 29.92 1.56 47.25
N VAL A 46 31.22 1.64 46.97
CA VAL A 46 31.71 2.28 45.76
C VAL A 46 32.99 1.59 45.34
N VAL A 47 33.24 1.57 44.02
CA VAL A 47 34.42 0.91 43.48
C VAL A 47 35.63 1.80 43.68
N ASN A 48 36.82 1.23 43.53
CA ASN A 48 38.04 2.02 43.58
C ASN A 48 38.01 3.10 42.50
N GLY A 49 38.44 4.30 42.87
CA GLY A 49 38.28 5.45 42.00
C GLY A 49 36.99 6.20 42.19
N GLY A 50 36.19 5.86 43.19
CA GLY A 50 34.97 6.55 43.47
C GLY A 50 33.76 6.08 42.69
N GLU A 51 33.91 5.06 41.86
CA GLU A 51 32.80 4.56 41.07
C GLU A 51 31.70 4.02 41.97
N CYS A 52 30.54 4.67 41.94
CA CYS A 52 29.42 4.25 42.76
C CYS A 52 28.94 2.87 42.34
N MET A 53 28.59 2.04 43.32
CA MET A 53 28.17 0.66 43.07
C MET A 53 26.73 0.67 42.56
N ALA A 54 26.58 0.69 41.23
CA ALA A 54 25.27 0.59 40.62
C ALA A 54 24.87 -0.88 40.54
N ALA A 55 23.80 -1.24 41.25
CA ALA A 55 23.41 -2.64 41.38
C ALA A 55 23.20 -3.28 40.02
N ASP A 56 22.58 -2.56 39.08
CA ASP A 56 22.37 -3.10 37.74
C ASP A 56 23.68 -3.31 37.00
N ARG A 57 24.65 -2.42 37.21
CA ARG A 57 25.92 -2.51 36.51
C ARG A 57 26.62 -3.81 36.87
N ARG A 58 27.14 -4.48 35.85
CA ARG A 58 27.89 -5.72 36.07
C ARG A 58 29.17 -5.42 36.85
N VAL A 59 29.50 -6.31 37.79
CA VAL A 59 30.74 -6.17 38.54
C VAL A 59 31.93 -6.23 37.60
N CYS A 60 31.81 -6.99 36.51
CA CYS A 60 32.85 -6.98 35.48
C CYS A 60 33.00 -5.58 34.88
N THR A 61 31.88 -4.90 34.64
CA THR A 61 31.95 -3.50 34.22
C THR A 61 32.52 -2.63 35.33
N TYR A 62 32.33 -3.02 36.59
CA TYR A 62 32.93 -2.28 37.70
C TYR A 62 34.43 -2.54 37.79
N SER A 63 34.84 -3.79 37.58
CA SER A 63 36.26 -4.18 37.59
C SER A 63 36.93 -3.82 38.92
N ALA A 64 36.23 -4.10 40.02
CA ALA A 64 36.79 -3.82 41.35
C ALA A 64 36.50 -4.94 42.35
N GLY A 65 36.17 -6.13 41.87
CA GLY A 65 35.78 -7.23 42.73
C GLY A 65 36.90 -8.02 43.37
N THR A 66 38.15 -7.69 43.06
CA THR A 66 39.30 -8.35 43.64
C THR A 66 40.05 -7.37 44.53
N ASP A 67 41.02 -7.88 45.28
CA ASP A 67 41.80 -7.04 46.18
C ASP A 67 42.53 -5.93 45.45
N THR A 68 42.80 -6.10 44.16
CA THR A 68 43.42 -5.04 43.36
C THR A 68 42.33 -4.04 42.97
N ASN A 69 42.52 -2.78 43.37
CA ASN A 69 41.51 -1.74 43.23
C ASN A 69 40.18 -2.22 43.79
N PRO A 70 40.17 -2.81 44.99
CA PRO A 70 38.92 -3.33 45.54
C PRO A 70 37.92 -2.23 45.84
N ILE A 71 36.64 -2.58 45.75
CA ILE A 71 35.60 -1.64 46.11
C ILE A 71 35.55 -1.49 47.62
N PHE A 72 35.29 -0.28 48.08
CA PHE A 72 35.12 0.00 49.50
C PHE A 72 33.64 -0.01 49.84
N LEU A 73 33.34 -0.33 51.10
CA LEU A 73 31.97 -0.41 51.57
C LEU A 73 31.77 0.49 52.78
N PHE A 74 30.69 1.27 52.76
CA PHE A 74 30.27 2.06 53.90
C PHE A 74 29.00 1.45 54.46
N ASN A 75 29.04 1.05 55.73
CA ASN A 75 27.95 0.32 56.35
C ASN A 75 26.98 1.31 57.01
N LYS A 76 25.78 1.42 56.44
CA LYS A 76 24.75 2.24 57.05
C LYS A 76 24.34 1.68 58.40
N GLU A 77 24.35 0.35 58.55
CA GLU A 77 24.09 -0.26 59.85
C GLU A 77 25.13 0.18 60.87
N MET A 78 26.38 0.35 60.45
CA MET A 78 27.39 0.89 61.35
C MET A 78 27.03 2.30 61.80
N ILE A 79 26.52 3.11 60.88
CA ILE A 79 25.99 4.43 61.25
C ILE A 79 24.80 4.28 62.17
N LEU A 80 24.04 3.20 62.03
CA LEU A 80 22.91 2.91 62.89
C LEU A 80 23.34 2.37 64.25
N CYS A 81 24.63 2.43 64.59
CA CYS A 81 25.12 1.98 65.88
C CYS A 81 26.50 2.57 66.16
N GLU A 124 66.89 -14.80 66.43
CA GLU A 124 65.81 -15.05 67.38
C GLU A 124 64.80 -13.90 67.37
N MET A 125 63.58 -14.21 66.95
CA MET A 125 62.45 -13.28 66.89
C MET A 125 62.69 -12.11 65.96
N TYR A 126 63.65 -12.23 65.04
CA TYR A 126 63.94 -11.14 64.11
C TYR A 126 62.85 -10.95 63.06
N GLU A 127 61.90 -11.87 62.95
CA GLU A 127 60.89 -11.80 61.90
C GLU A 127 59.97 -10.61 62.04
N VAL A 128 59.90 -10.00 63.23
CA VAL A 128 58.99 -8.87 63.45
C VAL A 128 59.42 -7.68 62.61
N ALA A 129 60.68 -7.63 62.18
CA ALA A 129 61.17 -6.49 61.40
C ALA A 129 60.32 -6.28 60.15
N LYS A 130 59.79 -7.37 59.59
CA LYS A 130 58.89 -7.26 58.45
C LYS A 130 57.43 -7.40 58.87
N LYS A 131 57.15 -8.28 59.82
CA LYS A 131 55.76 -8.52 60.22
C LYS A 131 55.12 -7.26 60.77
N LEU A 132 55.83 -6.54 61.64
CA LEU A 132 55.33 -5.26 62.11
C LEU A 132 55.14 -4.29 60.96
N CYS A 133 56.16 -4.17 60.11
CA CYS A 133 56.05 -3.31 58.94
C CYS A 133 54.94 -3.78 58.01
N SER A 134 54.70 -5.09 57.98
CA SER A 134 53.65 -5.62 57.11
C SER A 134 52.30 -5.04 57.49
N PHE A 135 52.01 -4.99 58.80
CA PHE A 135 50.75 -4.42 59.23
C PHE A 135 50.64 -2.95 58.86
N CYS A 136 51.75 -2.22 58.98
CA CYS A 136 51.74 -0.78 58.76
C CYS A 136 51.38 -0.45 57.31
N GLU A 137 52.03 -1.12 56.36
CA GLU A 137 51.80 -0.81 54.95
C GLU A 137 50.34 -1.02 54.58
N GLY A 138 49.76 -2.14 55.02
CA GLY A 138 48.35 -2.34 54.81
C GLY A 138 47.51 -1.24 55.43
N LEU A 139 47.85 -0.86 56.66
CA LEU A 139 47.22 0.31 57.24
C LEU A 139 47.52 1.57 56.43
N VAL A 140 48.75 1.70 55.96
CA VAL A 140 49.11 2.84 55.12
C VAL A 140 48.25 2.83 53.86
N HIS A 141 48.15 1.68 53.22
CA HIS A 141 47.24 1.55 52.08
C HIS A 141 45.81 1.80 52.50
N ASP A 142 45.43 1.32 53.70
CA ASP A 142 44.10 1.60 54.21
C ASP A 142 43.86 3.09 54.31
N GLU A 143 44.86 3.83 54.78
CA GLU A 143 44.75 5.29 54.77
C GLU A 143 44.46 5.79 53.37
N HIS A 144 45.22 5.31 52.39
CA HIS A 144 44.90 5.61 51.00
C HIS A 144 43.50 5.11 50.65
N LEU A 145 43.19 3.89 51.08
CA LEU A 145 41.84 3.39 50.91
C LEU A 145 40.85 4.29 51.63
N GLN A 146 41.20 4.75 52.83
CA GLN A 146 40.36 5.68 53.54
C GLN A 146 40.19 6.97 52.74
N HIS A 147 41.27 7.44 52.12
CA HIS A 147 41.17 8.65 51.31
C HIS A 147 40.18 8.49 50.18
N GLN A 148 40.20 7.33 49.53
CA GLN A 148 39.28 7.08 48.43
C GLN A 148 37.84 7.19 48.87
N GLY A 149 37.51 6.60 50.03
CA GLY A 149 36.14 6.64 50.50
C GLY A 149 35.63 8.05 50.68
N TRP A 150 36.44 8.91 51.31
CA TRP A 150 36.07 10.31 51.40
C TRP A 150 35.96 10.92 50.01
N ALA A 151 36.91 10.61 49.14
CA ALA A 151 36.83 11.08 47.76
C ALA A 151 35.55 10.60 47.10
N ALA A 152 35.26 9.30 47.23
CA ALA A 152 34.00 8.78 46.71
C ALA A 152 32.83 9.47 47.37
N ILE A 153 32.90 9.67 48.69
CA ILE A 153 31.85 10.39 49.38
C ILE A 153 31.68 11.77 48.78
N MET A 154 32.80 12.48 48.57
CA MET A 154 32.74 13.78 47.92
C MET A 154 32.16 13.66 46.52
N ALA A 155 32.53 12.60 45.80
CA ALA A 155 32.02 12.41 44.45
C ALA A 155 30.50 12.36 44.45
N ASN A 156 29.92 11.53 45.33
CA ASN A 156 28.47 11.45 45.41
C ASN A 156 27.87 12.80 45.73
N LEU A 157 28.48 13.52 46.67
CA LEU A 157 28.01 14.86 47.00
C LEU A 157 28.01 15.75 45.78
N GLU A 158 29.09 15.71 45.01
CA GLU A 158 29.16 16.49 43.77
C GLU A 158 27.98 16.17 42.87
N ASP A 159 27.75 14.89 42.61
CA ASP A 159 26.59 14.49 41.84
C ASP A 159 25.30 14.91 42.55
N CYS A 160 25.25 14.68 43.87
CA CYS A 160 24.09 15.11 44.63
C CYS A 160 23.89 16.62 44.51
N SER A 161 24.95 17.38 44.72
CA SER A 161 24.85 18.84 44.60
C SER A 161 24.38 19.23 43.21
N ASN A 162 24.98 18.63 42.18
CA ASN A 162 24.57 18.92 40.81
C ASN A 162 23.11 18.55 40.60
N SER A 163 22.74 17.32 40.96
CA SER A 163 21.37 16.86 40.75
C SER A 163 20.38 17.74 41.49
N TYR A 164 20.67 18.02 42.76
CA TYR A 164 19.76 18.86 43.54
C TYR A 164 19.66 20.25 42.94
N GLN A 165 20.80 20.85 42.61
CA GLN A 165 20.80 22.21 42.06
C GLN A 165 20.05 22.25 40.74
N LYS A 166 20.25 21.24 39.89
CA LYS A 166 19.60 21.23 38.59
C LYS A 166 18.08 21.29 38.73
N LEU A 167 17.52 20.40 39.54
CA LEU A 167 16.08 20.40 39.74
C LEU A 167 15.62 21.69 40.39
N LEU A 168 16.42 22.22 41.32
CA LEU A 168 16.06 23.44 42.03
C LEU A 168 15.61 24.53 41.07
N PHE A 169 16.50 24.93 40.17
CA PHE A 169 16.13 25.94 39.19
C PHE A 169 14.96 25.48 38.34
N LYS A 170 14.98 24.21 37.93
CA LYS A 170 13.90 23.67 37.12
C LYS A 170 12.56 23.89 37.79
N PHE A 171 12.46 23.49 39.05
CA PHE A 171 11.25 23.79 39.81
C PHE A 171 11.08 25.29 39.99
N GLU A 172 12.17 25.99 40.29
CA GLU A 172 12.11 27.43 40.51
C GLU A 172 11.52 28.12 39.28
N SER A 173 12.00 27.76 38.10
CA SER A 173 11.40 28.28 36.88
C SER A 173 9.95 27.84 36.76
N ILE A 174 9.70 26.55 36.97
CA ILE A 174 8.35 26.02 36.80
C ILE A 174 7.39 26.70 37.77
N TYR A 175 7.76 26.74 39.04
CA TYR A 175 6.90 27.37 40.03
C TYR A 175 6.70 28.84 39.70
N SER A 176 7.78 29.54 39.35
CA SER A 176 7.64 30.93 38.90
C SER A 176 6.75 30.99 37.66
N ASN A 177 7.00 30.10 36.70
CA ASN A 177 6.09 29.97 35.58
C ASN A 177 4.68 29.71 36.09
N TYR A 178 4.54 28.76 37.01
CA TYR A 178 3.24 28.50 37.62
C TYR A 178 2.75 29.73 38.37
N LEU A 179 3.65 30.39 39.11
CA LEU A 179 3.28 31.61 39.82
C LEU A 179 2.67 32.62 38.86
N GLN A 180 3.35 32.85 37.73
CA GLN A 180 2.74 33.66 36.68
C GLN A 180 1.48 33.00 36.14
N SER A 181 1.51 31.68 35.96
CA SER A 181 0.36 30.98 35.41
C SER A 181 -0.82 30.96 36.37
N ILE A 182 -0.60 31.26 37.66
CA ILE A 182 -1.65 31.14 38.65
C ILE A 182 -2.87 31.97 38.23
N GLU A 183 -2.63 33.22 37.86
CA GLU A 183 -3.73 34.07 37.42
C GLU A 183 -4.33 33.56 36.11
N ASP A 184 -3.49 33.07 35.20
CA ASP A 184 -3.98 32.62 33.91
C ASP A 184 -4.97 31.47 34.07
N ILE A 185 -4.63 30.50 34.91
CA ILE A 185 -5.49 29.34 35.09
C ILE A 185 -6.85 29.76 35.64
N LYS A 186 -6.86 30.75 36.54
CA LYS A 186 -8.09 31.12 37.22
C LYS A 186 -9.18 31.55 36.25
N LEU A 187 -8.91 32.59 35.46
CA LEU A 187 -9.91 33.09 34.53
C LEU A 187 -10.34 31.99 33.56
N LYS A 188 -9.42 31.11 33.21
CA LYS A 188 -9.75 30.00 32.34
C LYS A 188 -10.83 29.12 32.96
N LEU A 189 -10.72 28.84 34.26
CA LEU A 189 -11.73 28.02 34.92
C LEU A 189 -13.08 28.71 34.91
N THR A 190 -13.10 30.03 35.12
CA THR A 190 -14.37 30.75 35.08
C THR A 190 -14.98 30.68 33.69
N HIS A 191 -14.17 30.85 32.66
CA HIS A 191 -14.68 30.69 31.30
C HIS A 191 -15.22 29.29 31.09
N LEU A 192 -14.55 28.29 31.68
CA LEU A 192 -15.02 26.91 31.57
C LEU A 192 -16.38 26.74 32.22
N GLY A 193 -16.59 27.37 33.37
CA GLY A 193 -17.89 27.30 34.01
C GLY A 193 -18.98 27.94 33.19
N THR A 194 -18.68 29.13 32.63
CA THR A 194 -19.66 29.77 31.75
C THR A 194 -19.98 28.88 30.56
N ALA A 195 -18.96 28.24 29.99
CA ALA A 195 -19.17 27.35 28.87
C ALA A 195 -20.01 26.14 29.27
N VAL A 196 -19.79 25.63 30.49
CA VAL A 196 -20.58 24.50 30.97
C VAL A 196 -22.05 24.91 31.07
N SER A 197 -22.30 26.10 31.60
CA SER A 197 -23.67 26.59 31.67
C SER A 197 -24.29 26.70 30.29
N VAL A 198 -23.54 27.23 29.33
CA VAL A 198 -24.05 27.36 27.97
C VAL A 198 -24.35 25.98 27.39
N MET A 199 -23.46 25.02 27.63
CA MET A 199 -23.66 23.67 27.12
C MET A 199 -24.92 23.05 27.72
N ALA A 200 -25.15 23.30 29.01
CA ALA A 200 -26.43 22.92 29.60
C ALA A 200 -27.58 23.54 28.83
N LYS A 201 -27.49 24.85 28.55
CA LYS A 201 -28.49 25.48 27.71
C LYS A 201 -28.50 24.88 26.30
N ILE A 202 -27.36 24.44 25.83
CA ILE A 202 -27.26 23.88 24.47
C ILE A 202 -28.06 22.58 24.40
N PRO A 203 -28.72 22.29 23.28
CA PRO A 203 -29.52 21.06 23.20
C PRO A 203 -28.68 19.79 23.16
N LEU A 204 -29.33 18.65 22.99
CA LEU A 204 -28.64 17.38 22.88
C LEU A 204 -28.34 17.09 21.41
N LEU A 205 -27.88 15.87 21.14
CA LEU A 205 -27.33 15.51 19.84
C LEU A 205 -28.38 15.44 18.74
N GLU A 206 -29.66 15.47 19.08
CA GLU A 206 -30.74 15.37 18.09
C GLU A 206 -30.58 14.05 17.36
N CYS A 207 -30.46 14.04 16.03
CA CYS A 207 -30.41 12.78 15.29
C CYS A 207 -29.17 11.95 15.61
N LEU A 208 -28.09 12.58 16.07
CA LEU A 208 -26.85 11.86 16.29
C LEU A 208 -26.96 10.79 17.36
N THR A 209 -28.01 10.85 18.18
CA THR A 209 -28.21 9.83 19.21
C THR A 209 -28.25 8.43 18.61
N ARG A 210 -28.84 8.29 17.42
CA ARG A 210 -28.97 6.99 16.78
C ARG A 210 -27.64 6.42 16.30
N HIS A 211 -26.53 7.12 16.54
CA HIS A 211 -25.23 6.61 16.11
C HIS A 211 -24.93 5.26 16.76
N SER A 212 -25.19 5.14 18.06
CA SER A 212 -24.94 3.90 18.80
C SER A 212 -23.48 3.45 18.68
N PHE A 304 -35.08 12.65 23.44
CA PHE A 304 -35.91 13.44 24.34
C PHE A 304 -35.19 14.69 24.78
N ASN A 305 -35.80 15.42 25.72
CA ASN A 305 -35.17 16.61 26.27
C ASN A 305 -33.85 16.24 26.94
N VAL A 306 -32.76 16.77 26.39
CA VAL A 306 -31.41 16.48 26.91
C VAL A 306 -30.49 17.57 26.37
N SER A 307 -29.29 17.64 26.93
CA SER A 307 -28.32 18.65 26.55
C SER A 307 -26.99 18.00 26.20
N LEU A 308 -26.21 18.70 25.36
CA LEU A 308 -24.86 18.26 25.08
C LEU A 308 -24.03 18.20 26.36
N LEU A 309 -24.33 19.05 27.33
CA LEU A 309 -23.61 19.04 28.60
C LEU A 309 -23.62 17.65 29.20
N ASP A 310 -24.80 17.03 29.28
CA ASP A 310 -24.87 15.63 29.68
C ASP A 310 -24.09 14.76 28.72
N TRP A 311 -24.29 14.97 27.41
CA TRP A 311 -23.55 14.20 26.42
C TRP A 311 -22.05 14.37 26.62
N ILE A 312 -21.63 15.60 26.88
CA ILE A 312 -20.24 15.82 27.28
C ILE A 312 -19.94 15.10 28.57
N ASN A 313 -20.81 15.26 29.57
CA ASN A 313 -20.61 14.56 30.83
C ASN A 313 -20.76 13.06 30.67
N VAL A 314 -21.43 12.60 29.61
CA VAL A 314 -21.68 11.17 29.46
C VAL A 314 -20.38 10.40 29.40
N GLN A 315 -19.46 10.84 28.54
CA GLN A 315 -18.22 10.11 28.36
C GLN A 315 -17.40 10.14 29.64
N ASP A 316 -16.73 9.02 29.91
CA ASP A 316 -15.83 8.87 31.06
C ASP A 316 -16.58 9.15 32.37
N ARG A 317 -17.55 8.28 32.66
CA ARG A 317 -18.42 8.46 33.83
C ARG A 317 -17.69 8.71 35.14
N PRO A 318 -16.61 8.00 35.47
CA PRO A 318 -15.90 8.29 36.71
C PRO A 318 -15.06 9.56 36.65
N ASN A 319 -14.99 10.23 35.51
CA ASN A 319 -14.09 11.35 35.29
C ASN A 319 -14.83 12.53 34.68
N ASP A 320 -15.90 12.97 35.32
CA ASP A 320 -16.72 14.03 34.76
C ASP A 320 -15.98 15.36 34.77
N VAL A 321 -16.58 16.34 34.09
CA VAL A 321 -15.99 17.67 34.00
C VAL A 321 -15.83 18.28 35.39
N GLU A 322 -16.88 18.16 36.21
CA GLU A 322 -16.80 18.69 37.57
C GLU A 322 -15.66 18.04 38.32
N SER A 323 -15.43 16.74 38.10
CA SER A 323 -14.29 16.09 38.71
C SER A 323 -12.99 16.74 38.26
N LEU A 324 -12.88 17.05 36.97
CA LEU A 324 -11.67 17.67 36.45
C LEU A 324 -11.43 19.03 37.10
N VAL A 325 -12.47 19.87 37.13
CA VAL A 325 -12.32 21.20 37.69
C VAL A 325 -11.96 21.12 39.16
N ARG A 326 -12.63 20.23 39.90
CA ARG A 326 -12.34 20.09 41.32
C ARG A 326 -10.91 19.62 41.54
N LYS A 327 -10.45 18.66 40.75
CA LYS A 327 -9.08 18.19 40.88
C LYS A 327 -8.10 19.31 40.58
N CYS A 328 -8.41 20.12 39.56
CA CYS A 328 -7.53 21.23 39.20
C CYS A 328 -7.41 22.23 40.34
N PHE A 329 -8.54 22.68 40.86
CA PHE A 329 -8.50 23.63 41.97
C PHE A 329 -7.84 23.01 43.18
N ASP A 330 -8.04 21.71 43.40
CA ASP A 330 -7.42 21.04 44.53
C ASP A 330 -5.91 21.06 44.41
N SER A 331 -5.39 20.77 43.22
CA SER A 331 -3.94 20.87 43.02
C SER A 331 -3.48 22.30 43.20
N MET A 332 -4.24 23.26 42.66
CA MET A 332 -3.87 24.66 42.76
C MET A 332 -3.69 25.08 44.21
N SER A 333 -4.68 24.75 45.05
CA SER A 333 -4.56 25.02 46.47
C SER A 333 -3.38 24.25 47.07
N ARG A 334 -3.26 22.96 46.72
CA ARG A 334 -2.11 22.19 47.17
C ARG A 334 -0.81 22.78 46.66
N LEU A 335 -0.87 23.58 45.60
CA LEU A 335 0.27 24.33 45.09
C LEU A 335 0.35 25.73 45.68
N ASP A 336 0.01 25.88 46.96
CA ASP A 336 -0.02 27.20 47.58
C ASP A 336 1.38 27.80 47.60
N PRO A 337 1.56 29.01 47.04
CA PRO A 337 2.86 29.68 47.21
C PRO A 337 3.21 29.91 48.65
N ARG A 338 2.21 30.10 49.51
CA ARG A 338 2.47 30.29 50.93
C ARG A 338 3.23 29.11 51.53
N ILE A 339 3.09 27.92 50.94
CA ILE A 339 3.86 26.77 51.34
C ILE A 339 5.03 26.53 50.40
N ILE A 340 4.83 26.74 49.10
CA ILE A 340 5.88 26.47 48.14
C ILE A 340 7.12 27.30 48.43
N ARG A 341 6.93 28.60 48.60
CA ARG A 341 8.06 29.49 48.89
C ARG A 341 8.77 29.09 50.17
N PRO A 342 8.09 28.86 51.29
CA PRO A 342 8.80 28.35 52.46
C PRO A 342 9.49 27.03 52.20
N PHE A 343 8.87 26.14 51.43
CA PHE A 343 9.51 24.88 51.09
C PHE A 343 10.75 25.12 50.25
N ILE A 344 10.66 26.04 49.29
CA ILE A 344 11.81 26.36 48.46
C ILE A 344 12.95 26.90 49.30
N ALA A 345 12.64 27.80 50.24
CA ALA A 345 13.66 28.34 51.11
C ALA A 345 14.30 27.26 51.97
N GLU A 346 13.47 26.36 52.50
CA GLU A 346 13.99 25.25 53.29
C GLU A 346 14.92 24.39 52.45
N CYS A 347 14.53 24.10 51.22
CA CYS A 347 15.37 23.30 50.34
C CYS A 347 16.69 24.01 50.05
N ARG A 348 16.64 25.31 49.81
CA ARG A 348 17.87 26.05 49.56
C ARG A 348 18.78 26.02 50.78
N GLN A 349 18.21 26.18 51.97
CA GLN A 349 19.00 26.10 53.18
C GLN A 349 19.61 24.72 53.35
N THR A 350 18.85 23.68 53.02
CA THR A 350 19.37 22.32 53.10
C THR A 350 20.52 22.14 52.13
N ILE A 351 20.39 22.66 50.91
CA ILE A 351 21.45 22.54 49.93
C ILE A 351 22.71 23.27 50.40
N ALA A 352 22.53 24.46 50.96
CA ALA A 352 23.68 25.19 51.48
C ALA A 352 24.34 24.43 52.63
N LYS A 353 23.52 23.84 53.50
CA LYS A 353 24.07 23.05 54.60
C LYS A 353 24.85 21.85 54.06
N LEU A 354 24.34 21.23 53.01
CA LEU A 354 25.05 20.12 52.38
C LEU A 354 26.39 20.59 51.83
N ASP A 355 26.40 21.75 51.17
CA ASP A 355 27.65 22.29 50.65
C ASP A 355 28.64 22.56 51.78
N ASN A 356 28.17 23.13 52.88
CA ASN A 356 29.05 23.41 54.01
C ASN A 356 29.60 22.12 54.60
N GLN A 357 28.75 21.09 54.73
CA GLN A 357 29.22 19.81 55.24
C GLN A 357 30.29 19.23 54.33
N ASN A 358 30.08 19.33 53.01
CA ASN A 358 31.10 18.87 52.06
C ASN A 358 32.40 19.64 52.27
N MET A 359 32.30 20.95 52.48
CA MET A 359 33.48 21.73 52.81
C MET A 359 34.08 21.28 54.15
N LYS A 360 33.21 21.05 55.14
CA LYS A 360 33.69 20.80 56.50
C LYS A 360 34.14 19.35 56.70
N ALA A 361 33.24 18.40 56.46
CA ALA A 361 33.53 17.01 56.79
C ALA A 361 34.73 16.49 56.00
N ILE A 362 34.80 16.83 54.71
CA ILE A 362 35.95 16.42 53.89
C ILE A 362 37.23 17.04 54.45
N LYS A 363 37.16 18.32 54.84
CA LYS A 363 38.31 18.96 55.46
C LYS A 363 38.63 18.38 56.84
N GLY A 364 37.74 17.55 57.38
CA GLY A 364 37.96 17.00 58.70
C GLY A 364 39.28 16.25 58.85
N LEU A 365 39.76 15.65 57.76
CA LEU A 365 41.02 14.92 57.77
C LEU A 365 42.08 15.61 56.92
N GLU A 366 42.14 16.94 57.00
CA GLU A 366 43.05 17.70 56.14
C GLU A 366 44.51 17.38 56.43
N ASP A 367 44.87 17.26 57.70
CA ASP A 367 46.27 17.11 58.10
C ASP A 367 46.73 15.66 58.16
N ARG A 368 45.87 14.71 57.79
CA ARG A 368 46.20 13.30 57.98
C ARG A 368 47.28 12.84 57.01
N LEU A 369 47.19 13.25 55.75
CA LEU A 369 47.99 12.64 54.68
C LEU A 369 49.48 12.78 54.95
N TYR A 370 49.94 14.00 55.19
CA TYR A 370 51.37 14.22 55.37
C TYR A 370 51.91 13.50 56.60
N ALA A 371 51.15 13.53 57.70
CA ALA A 371 51.59 12.86 58.92
C ALA A 371 51.68 11.36 58.71
N LEU A 372 50.66 10.78 58.06
CA LEU A 372 50.69 9.35 57.78
C LEU A 372 51.86 8.99 56.87
N ASP A 373 52.13 9.84 55.87
CA ASP A 373 53.26 9.58 54.98
C ASP A 373 54.58 9.61 55.74
N GLN A 374 54.75 10.60 56.62
CA GLN A 374 55.97 10.68 57.40
C GLN A 374 56.13 9.45 58.31
N MET A 375 55.04 9.04 58.95
CA MET A 375 55.10 7.87 59.82
C MET A 375 55.45 6.62 59.01
N ILE A 376 54.85 6.45 57.84
CA ILE A 376 55.12 5.27 57.02
C ILE A 376 56.58 5.26 56.57
N ALA A 377 57.08 6.43 56.16
CA ALA A 377 58.48 6.51 55.74
C ALA A 377 59.42 6.18 56.89
N SER A 378 59.13 6.70 58.08
CA SER A 378 59.95 6.38 59.24
C SER A 378 59.91 4.89 59.55
N CYS A 379 58.72 4.28 59.45
CA CYS A 379 58.61 2.85 59.70
C CYS A 379 59.44 2.05 58.70
N GLY A 380 59.39 2.44 57.42
CA GLY A 380 60.18 1.74 56.42
C GLY A 380 61.67 1.87 56.70
N ARG A 381 62.12 3.09 57.01
CA ARG A 381 63.54 3.29 57.28
C ARG A 381 63.99 2.51 58.50
N LEU A 382 63.18 2.50 59.56
CA LEU A 382 63.54 1.76 60.76
C LEU A 382 63.57 0.26 60.50
N VAL A 383 62.60 -0.26 59.75
CA VAL A 383 62.58 -1.68 59.44
C VAL A 383 63.81 -2.05 58.62
N ASN A 384 64.18 -1.21 57.65
CA ASN A 384 65.38 -1.47 56.86
C ASN A 384 66.63 -1.46 57.74
N GLU A 385 66.73 -0.49 58.65
CA GLU A 385 67.87 -0.43 59.55
C GLU A 385 67.91 -1.63 60.48
N GLN A 386 66.74 -2.22 60.76
CA GLN A 386 66.67 -3.35 61.68
C GLN A 386 67.52 -4.52 61.22
N LYS A 387 67.54 -4.78 59.91
CA LYS A 387 68.32 -5.89 59.35
C LYS A 387 67.93 -7.22 59.98
N LEU A 424 68.23 -4.17 69.94
CA LEU A 424 66.78 -4.01 69.90
C LEU A 424 66.36 -2.65 70.46
N GLN A 425 67.28 -1.69 70.41
CA GLN A 425 67.01 -0.37 70.98
C GLN A 425 65.82 0.29 70.27
N ASN A 426 65.80 0.22 68.94
CA ASN A 426 64.66 0.73 68.20
C ASN A 426 63.54 -0.28 68.07
N HIS A 427 63.79 -1.54 68.44
CA HIS A 427 62.78 -2.58 68.28
C HIS A 427 61.51 -2.24 69.03
N ARG A 428 61.63 -1.92 70.32
CA ARG A 428 60.48 -1.41 71.06
C ARG A 428 60.02 -0.08 70.48
N LYS A 429 60.98 0.78 70.10
CA LYS A 429 60.63 2.06 69.50
C LYS A 429 59.80 1.86 68.25
N LEU A 430 60.24 0.97 67.37
CA LEU A 430 59.43 0.64 66.20
C LEU A 430 58.12 0.00 66.60
N LEU A 431 58.16 -0.92 67.56
CA LEU A 431 56.93 -1.53 68.06
C LEU A 431 56.00 -0.48 68.64
N ASP A 432 56.55 0.43 69.45
CA ASP A 432 55.75 1.54 69.95
C ASP A 432 55.27 2.43 68.81
N ILE A 433 56.15 2.70 67.84
CA ILE A 433 55.73 3.47 66.67
C ILE A 433 54.62 2.73 65.94
N LYS A 434 54.76 1.41 65.79
CA LYS A 434 53.67 0.61 65.25
C LYS A 434 52.42 0.77 66.11
N GLN A 435 52.58 0.68 67.43
CA GLN A 435 51.47 0.96 68.32
C GLN A 435 51.01 2.42 68.18
N LYS A 436 51.98 3.34 68.06
CA LYS A 436 51.64 4.74 67.88
C LYS A 436 50.83 4.96 66.61
N CYS A 437 51.06 4.13 65.59
CA CYS A 437 50.29 4.26 64.36
C CYS A 437 48.81 3.97 64.59
N THR A 438 48.52 2.96 65.42
CA THR A 438 47.13 2.54 65.64
C THR A 438 46.31 3.70 66.21
N THR A 439 46.90 4.47 67.11
CA THR A 439 46.21 5.65 67.64
C THR A 439 45.82 6.59 66.53
N ALA A 440 46.75 6.84 65.60
CA ALA A 440 46.40 7.62 64.41
C ALA A 440 45.29 6.94 63.63
N LYS A 441 45.38 5.62 63.48
CA LYS A 441 44.31 4.87 62.83
C LYS A 441 43.01 5.02 63.60
N GLN A 442 43.07 4.88 64.93
CA GLN A 442 41.90 5.16 65.75
C GLN A 442 41.49 6.61 65.61
N GLU A 443 42.46 7.52 65.61
CA GLU A 443 42.16 8.93 65.35
C GLU A 443 41.54 9.09 63.96
N LEU A 444 42.04 8.36 62.98
CA LEU A 444 41.44 8.37 61.67
C LEU A 444 39.98 7.93 61.73
N ALA A 445 39.71 6.88 62.50
CA ALA A 445 38.32 6.43 62.69
C ALA A 445 37.47 7.54 63.26
N ASN A 446 38.04 8.35 64.17
CA ASN A 446 37.29 9.43 64.78
C ASN A 446 36.80 10.43 63.73
N ASN A 447 37.69 10.81 62.81
CA ASN A 447 37.30 11.72 61.74
C ASN A 447 36.24 11.09 60.85
N LEU A 448 36.33 9.78 60.64
CA LEU A 448 35.39 9.09 59.75
C LEU A 448 33.97 9.26 60.22
N HIS A 449 33.65 8.74 61.41
CA HIS A 449 32.30 8.85 61.94
C HIS A 449 31.86 10.30 62.03
N VAL A 450 32.80 11.18 62.39
CA VAL A 450 32.50 12.62 62.41
C VAL A 450 32.10 13.08 61.01
N ARG A 451 32.88 12.67 60.01
CA ARG A 451 32.51 13.01 58.63
C ARG A 451 31.28 12.22 58.18
N LEU A 452 31.22 10.94 58.57
CA LEU A 452 30.14 10.08 58.07
C LEU A 452 28.77 10.59 58.51
N LYS A 453 28.66 11.07 59.74
CA LYS A 453 27.39 11.58 60.23
C LYS A 453 26.92 12.75 59.38
N TRP A 454 27.83 13.67 59.07
CA TRP A 454 27.48 14.78 58.17
C TRP A 454 27.04 14.26 56.82
N CYS A 455 27.61 13.15 56.37
CA CYS A 455 27.28 12.61 55.05
C CYS A 455 25.83 12.15 54.98
N CYS A 456 25.49 11.10 55.73
CA CYS A 456 24.18 10.47 55.60
C CYS A 456 23.08 11.45 55.97
N PHE A 457 23.27 12.19 57.07
CA PHE A 457 22.25 13.13 57.52
C PHE A 457 21.92 14.14 56.42
N VAL A 458 22.95 14.69 55.78
CA VAL A 458 22.73 15.52 54.62
C VAL A 458 22.14 14.69 53.48
N MET A 459 22.70 13.50 53.26
CA MET A 459 22.25 12.67 52.14
C MET A 459 20.78 12.31 52.28
N LEU A 460 20.39 11.79 53.44
CA LEU A 460 19.01 11.38 53.64
C LEU A 460 18.07 12.58 53.49
N HIS A 461 18.38 13.67 54.18
CA HIS A 461 17.53 14.86 54.10
C HIS A 461 17.43 15.34 52.67
N ALA A 462 18.56 15.37 51.95
CA ALA A 462 18.53 15.77 50.55
C ALA A 462 17.61 14.86 49.75
N ASP A 463 17.72 13.55 49.96
CA ASP A 463 16.85 12.61 49.27
C ASP A 463 15.40 12.90 49.57
N GLN A 464 15.09 13.15 50.84
CA GLN A 464 13.71 13.46 51.23
C GLN A 464 13.21 14.70 50.49
N ASP A 465 14.00 15.76 50.49
CA ASP A 465 13.62 16.95 49.74
C ASP A 465 13.64 16.68 48.24
N GLY A 466 14.62 15.92 47.77
CA GLY A 466 14.82 15.72 46.35
C GLY A 466 13.58 15.26 45.61
N GLU A 467 13.13 14.04 45.88
CA GLU A 467 11.98 13.49 45.17
C GLU A 467 10.77 14.40 45.32
N LYS A 468 10.65 15.06 46.47
CA LYS A 468 9.51 15.94 46.71
C LYS A 468 9.38 16.96 45.60
N LEU A 469 10.46 17.67 45.31
CA LEU A 469 10.43 18.63 44.21
C LEU A 469 10.10 17.93 42.90
N GLN A 470 10.74 16.80 42.65
CA GLN A 470 10.38 16.00 41.48
C GLN A 470 8.90 15.66 41.51
N ALA A 471 8.43 15.16 42.66
CA ALA A 471 7.00 14.93 42.81
C ALA A 471 6.24 16.23 42.65
N LEU A 472 6.71 17.30 43.28
CA LEU A 472 6.11 18.61 43.07
C LEU A 472 6.13 18.97 41.60
N LEU A 473 7.29 18.77 40.95
CA LEU A 473 7.36 18.98 39.51
C LEU A 473 6.34 18.12 38.80
N ARG A 474 6.30 16.83 39.12
CA ARG A 474 5.27 15.97 38.56
C ARG A 474 3.89 16.55 38.82
N LEU A 475 3.64 16.95 40.06
CA LEU A 475 2.41 17.67 40.35
C LEU A 475 2.34 18.96 39.54
N VAL A 476 3.45 19.69 39.47
CA VAL A 476 3.46 20.91 38.67
C VAL A 476 3.17 20.59 37.21
N ILE A 477 3.82 19.55 36.70
CA ILE A 477 3.62 19.17 35.30
C ILE A 477 2.18 18.76 35.07
N GLU A 478 1.65 17.90 35.95
CA GLU A 478 0.30 17.38 35.77
C GLU A 478 -0.71 18.51 35.76
N LEU A 479 -0.59 19.45 36.70
CA LEU A 479 -1.49 20.59 36.72
C LEU A 479 -1.42 21.35 35.40
N LEU A 480 -0.22 21.52 34.87
CA LEU A 480 -0.08 22.08 33.53
C LEU A 480 -0.78 21.17 32.52
N GLU A 481 -0.59 19.86 32.64
CA GLU A 481 -1.14 18.92 31.67
C GLU A 481 -2.64 19.06 31.58
N ARG A 482 -3.34 18.81 32.69
CA ARG A 482 -4.79 18.88 32.67
C ARG A 482 -5.30 20.26 32.30
N VAL A 483 -4.48 21.30 32.55
CA VAL A 483 -4.89 22.66 32.20
C VAL A 483 -5.21 22.74 30.71
N LYS A 484 -4.39 22.11 29.88
CA LYS A 484 -4.67 22.06 28.46
C LYS A 484 -6.00 21.38 28.19
N ILE A 485 -6.20 20.19 28.75
CA ILE A 485 -7.46 19.48 28.59
C ILE A 485 -8.61 20.33 29.11
N VAL A 486 -8.39 20.98 30.25
CA VAL A 486 -9.36 21.93 30.75
C VAL A 486 -9.64 23.00 29.70
N GLU A 487 -8.57 23.55 29.13
CA GLU A 487 -8.73 24.52 28.06
C GLU A 487 -9.46 23.91 26.88
N ALA A 488 -9.23 22.61 26.63
CA ALA A 488 -9.75 21.99 25.42
C ALA A 488 -11.27 22.05 25.37
N LEU A 489 -11.93 21.75 26.48
CA LEU A 489 -13.39 21.65 26.48
C LEU A 489 -14.07 22.98 26.16
N SER A 490 -13.35 24.10 26.28
CA SER A 490 -13.99 25.41 26.20
C SER A 490 -14.69 25.62 24.87
N THR A 491 -14.02 25.27 23.76
CA THR A 491 -14.55 25.56 22.44
C THR A 491 -15.72 24.67 22.04
N VAL A 492 -16.00 23.63 22.83
CA VAL A 492 -16.94 22.59 22.39
C VAL A 492 -18.28 23.16 21.93
N PRO A 493 -18.85 24.15 22.59
CA PRO A 493 -20.17 24.64 22.16
C PRO A 493 -20.16 25.21 20.76
N GLN A 494 -19.32 26.22 20.52
CA GLN A 494 -19.25 26.82 19.20
C GLN A 494 -18.80 25.80 18.16
N MET A 495 -17.89 24.91 18.57
CA MET A 495 -17.43 23.86 17.67
C MET A 495 -18.60 23.01 17.18
N TYR A 496 -19.41 22.50 18.10
CA TYR A 496 -20.54 21.68 17.70
C TYR A 496 -21.56 22.48 16.91
N CYS A 497 -21.76 23.75 17.30
CA CYS A 497 -22.69 24.60 16.57
C CYS A 497 -22.28 24.72 15.11
N LEU A 498 -20.99 24.94 14.87
CA LEU A 498 -20.49 24.99 13.51
C LEU A 498 -20.60 23.62 12.85
N ALA A 499 -20.33 22.56 13.60
CA ALA A 499 -20.33 21.21 13.03
C ALA A 499 -21.70 20.84 12.50
N VAL A 500 -22.76 21.29 13.16
CA VAL A 500 -24.10 21.01 12.67
C VAL A 500 -24.28 21.60 11.27
N VAL A 501 -23.93 22.88 11.12
CA VAL A 501 -24.05 23.53 9.82
C VAL A 501 -23.17 22.84 8.80
N GLU A 502 -21.99 22.38 9.23
CA GLU A 502 -21.11 21.68 8.33
C GLU A 502 -21.75 20.41 7.82
N VAL A 503 -22.39 19.65 8.71
CA VAL A 503 -23.04 18.41 8.29
C VAL A 503 -24.21 18.71 7.36
N VAL A 504 -24.92 19.81 7.62
CA VAL A 504 -26.03 20.18 6.75
C VAL A 504 -25.52 20.50 5.35
N ARG A 505 -24.43 21.28 5.29
CA ARG A 505 -23.83 21.59 3.99
C ARG A 505 -23.35 20.32 3.31
N ARG A 506 -22.82 19.38 4.09
CA ARG A 506 -22.40 18.11 3.53
C ARG A 506 -23.57 17.36 2.90
N LYS A 507 -24.72 17.35 3.58
CA LYS A 507 -25.89 16.70 3.02
C LYS A 507 -26.34 17.37 1.74
N MET A 508 -26.38 18.70 1.74
CA MET A 508 -26.78 19.41 0.53
C MET A 508 -25.82 19.12 -0.62
N PHE A 509 -24.52 19.10 -0.33
CA PHE A 509 -23.53 18.79 -1.34
C PHE A 509 -23.69 17.37 -1.85
N ILE A 510 -24.01 16.44 -0.95
CA ILE A 510 -24.24 15.07 -1.37
C ILE A 510 -25.41 15.01 -2.34
N LYS A 511 -26.47 15.76 -2.04
CA LYS A 511 -27.63 15.80 -2.93
C LYS A 511 -27.25 16.36 -4.29
N HIS A 512 -26.58 17.51 -4.31
CA HIS A 512 -26.21 18.12 -5.58
C HIS A 512 -25.28 17.22 -6.37
N TYR A 513 -24.32 16.59 -5.69
CA TYR A 513 -23.39 15.70 -6.37
C TYR A 513 -24.10 14.48 -6.92
N ARG A 514 -25.08 13.95 -6.17
CA ARG A 514 -25.85 12.83 -6.67
C ARG A 514 -26.59 13.22 -7.94
N GLU A 515 -27.19 14.41 -7.96
CA GLU A 515 -27.89 14.87 -9.15
C GLU A 515 -26.94 14.99 -10.33
N TRP A 516 -25.79 15.61 -10.12
CA TRP A 516 -24.83 15.79 -11.20
C TRP A 516 -24.32 14.46 -11.72
N ALA A 517 -24.01 13.53 -10.81
CA ALA A 517 -23.54 12.22 -11.22
C ALA A 517 -24.61 11.48 -12.00
N GLY A 518 -25.87 11.60 -11.59
CA GLY A 518 -26.93 10.96 -12.34
C GLY A 518 -27.06 11.51 -13.75
N ALA A 519 -27.02 12.83 -13.89
CA ALA A 519 -27.11 13.44 -15.21
C ALA A 519 -25.95 12.98 -16.09
N LEU A 520 -24.73 12.99 -15.54
CA LEU A 520 -23.58 12.57 -16.32
C LEU A 520 -23.68 11.11 -16.71
N VAL A 521 -24.12 10.25 -15.80
CA VAL A 521 -24.23 8.83 -16.10
C VAL A 521 -25.26 8.60 -17.18
N LYS A 522 -26.39 9.32 -17.12
CA LYS A 522 -27.41 9.16 -18.14
C LYS A 522 -26.89 9.57 -19.51
N ASP A 523 -26.23 10.74 -19.59
CA ASP A 523 -25.70 11.17 -20.87
C ASP A 523 -24.67 10.19 -21.40
N GLY A 524 -23.80 9.70 -20.51
CA GLY A 524 -22.77 8.76 -20.94
C GLY A 524 -23.35 7.44 -21.43
N LYS A 525 -24.36 6.94 -20.74
CA LYS A 525 -25.01 5.72 -21.19
C LYS A 525 -25.64 5.93 -22.56
N ARG A 526 -26.31 7.06 -22.76
CA ARG A 526 -26.91 7.35 -24.06
C ARG A 526 -25.87 7.36 -25.16
N LEU A 527 -24.79 8.10 -24.94
CA LEU A 527 -23.76 8.21 -25.98
C LEU A 527 -23.08 6.87 -26.24
N TYR A 528 -22.77 6.12 -25.17
CA TYR A 528 -22.14 4.83 -25.35
C TYR A 528 -23.04 3.87 -26.11
N GLU A 529 -24.34 3.88 -25.80
CA GLU A 529 -25.26 3.04 -26.53
C GLU A 529 -25.32 3.42 -28.01
N ALA A 530 -25.39 4.71 -28.30
CA ALA A 530 -25.46 5.14 -29.70
C ALA A 530 -24.21 4.75 -30.46
N GLU A 531 -23.04 4.97 -29.85
CA GLU A 531 -21.80 4.63 -30.51
C GLU A 531 -21.67 3.12 -30.71
N LYS A 532 -22.10 2.34 -29.71
CA LYS A 532 -22.08 0.89 -29.85
C LYS A 532 -23.00 0.45 -30.98
N SER A 533 -24.15 1.11 -31.13
CA SER A 533 -25.03 0.80 -32.23
C SER A 533 -24.38 1.10 -33.57
N LYS A 534 -23.72 2.26 -33.67
CA LYS A 534 -23.05 2.61 -34.92
C LYS A 534 -21.95 1.60 -35.25
N ARG A 535 -21.17 1.20 -34.24
CA ARG A 535 -20.12 0.22 -34.45
C ARG A 535 -20.70 -1.13 -34.85
N GLU A 536 -21.81 -1.52 -34.25
CA GLU A 536 -22.45 -2.78 -34.63
C GLU A 536 -22.91 -2.72 -36.08
N SER A 537 -23.48 -1.59 -36.50
CA SER A 537 -23.89 -1.45 -37.89
C SER A 537 -22.69 -1.55 -38.81
N PHE A 538 -21.58 -0.90 -38.45
CA PHE A 538 -20.39 -0.94 -39.28
C PHE A 538 -19.85 -2.36 -39.39
N GLY A 539 -19.83 -3.10 -38.28
CA GLY A 539 -19.40 -4.48 -38.34
C GLY A 539 -20.31 -5.33 -39.20
N LYS A 540 -21.62 -5.19 -39.01
CA LYS A 540 -22.56 -5.88 -39.88
C LYS A 540 -22.27 -5.59 -41.34
N LEU A 541 -21.89 -4.35 -41.64
CA LEU A 541 -21.50 -4.01 -43.01
C LEU A 541 -20.25 -4.77 -43.42
N PHE A 542 -19.23 -4.80 -42.56
CA PHE A 542 -17.91 -5.24 -43.01
C PHE A 542 -17.15 -6.16 -42.06
N ARG A 543 -17.70 -6.53 -40.90
CA ARG A 543 -16.95 -7.40 -40.01
C ARG A 543 -16.62 -8.71 -40.71
N LYS A 544 -15.34 -8.92 -40.98
CA LYS A 544 -14.86 -10.10 -41.71
C LYS A 544 -15.59 -10.29 -43.03
N SER A 545 -16.14 -9.22 -43.58
CA SER A 545 -16.91 -9.28 -44.81
C SER A 545 -16.11 -8.85 -46.03
N PHE A 546 -14.86 -8.43 -45.88
CA PHE A 546 -14.02 -8.02 -47.01
C PHE A 546 -12.55 -8.12 -46.63
N LEU A 547 -11.70 -8.50 -47.58
CA LEU A 547 -10.26 -8.46 -47.35
C LEU A 547 -9.75 -7.04 -47.12
N ARG A 548 -10.54 -6.03 -47.49
CA ARG A 548 -10.23 -4.63 -47.25
C ARG A 548 -10.07 -4.30 -45.76
N ASN A 549 -10.53 -5.17 -44.85
CA ASN A 549 -10.39 -4.93 -43.41
C ASN A 549 -8.94 -4.99 -42.97
N ARG A 550 -8.18 -5.94 -43.52
CA ARG A 550 -6.76 -6.04 -43.19
C ARG A 550 -6.01 -4.78 -43.59
N LEU A 551 -6.18 -4.35 -44.84
CA LEU A 551 -5.53 -3.12 -45.29
C LEU A 551 -6.05 -1.92 -44.52
N PHE A 552 -7.37 -1.85 -44.30
CA PHE A 552 -7.99 -0.78 -43.53
C PHE A 552 -8.04 -1.09 -42.05
N ARG A 553 -7.08 -1.86 -41.53
CA ARG A 553 -7.09 -2.25 -40.13
C ARG A 553 -6.96 -1.03 -39.22
N GLY A 554 -7.53 -1.14 -38.02
CA GLY A 554 -7.49 -0.10 -37.02
C GLY A 554 -8.82 0.57 -36.75
N LEU A 555 -9.78 0.47 -37.66
CA LEU A 555 -11.07 1.11 -37.46
C LEU A 555 -12.03 0.28 -36.63
N ASP A 556 -11.73 -1.00 -36.41
CA ASP A 556 -12.62 -1.89 -35.69
C ASP A 556 -12.67 -1.62 -34.20
N SER A 557 -12.02 -0.55 -33.73
CA SER A 557 -11.99 -0.27 -32.30
C SER A 557 -13.37 0.13 -31.80
N TRP A 558 -13.70 -0.31 -30.59
CA TRP A 558 -14.90 0.18 -29.93
C TRP A 558 -14.74 1.65 -29.59
N PRO A 559 -15.83 2.41 -29.54
CA PRO A 559 -15.72 3.85 -29.32
C PRO A 559 -15.20 4.16 -27.92
N PRO A 560 -15.04 5.44 -27.59
CA PRO A 560 -14.42 5.80 -26.30
C PRO A 560 -15.20 5.25 -25.13
N SER A 561 -14.46 4.85 -24.09
CA SER A 561 -15.04 4.26 -22.90
C SER A 561 -15.16 5.33 -21.82
N PHE A 562 -16.22 6.13 -21.92
CA PHE A 562 -16.45 7.20 -20.96
C PHE A 562 -16.94 6.62 -19.64
N CYS A 563 -17.24 7.51 -18.70
CA CYS A 563 -17.66 7.10 -17.35
C CYS A 563 -19.19 7.09 -17.25
N THR A 564 -19.77 6.06 -17.86
CA THR A 564 -21.20 5.85 -17.78
C THR A 564 -21.64 5.19 -16.48
N GLN A 565 -20.68 4.72 -15.68
CA GLN A 565 -20.99 4.06 -14.41
C GLN A 565 -21.46 5.08 -13.39
N LYS A 566 -21.65 4.62 -12.15
CA LYS A 566 -22.12 5.44 -11.07
C LYS A 566 -21.03 5.65 -10.02
N PRO A 567 -21.14 6.71 -9.22
CA PRO A 567 -20.15 6.93 -8.17
C PRO A 567 -20.28 5.90 -7.05
N ARG A 568 -19.21 5.81 -6.25
CA ARG A 568 -19.14 4.78 -5.21
C ARG A 568 -20.03 5.11 -4.02
N LYS A 569 -19.74 6.22 -3.34
CA LYS A 569 -20.51 6.62 -2.16
C LYS A 569 -20.14 8.05 -1.79
N PHE A 570 -21.15 8.85 -1.46
CA PHE A 570 -20.93 10.24 -1.06
C PHE A 570 -20.81 10.35 0.46
N ASP A 571 -19.78 9.70 1.01
CA ASP A 571 -19.49 9.73 2.44
C ASP A 571 -20.68 9.22 3.26
N CYS A 572 -21.01 7.94 3.05
CA CYS A 572 -22.18 7.35 3.68
C CYS A 572 -22.05 7.33 5.20
N GLU A 573 -20.83 7.20 5.72
CA GLU A 573 -20.66 7.00 7.16
C GLU A 573 -21.11 8.20 7.98
N LEU A 574 -21.34 9.35 7.35
CA LEU A 574 -21.79 10.52 8.08
C LEU A 574 -23.14 10.22 8.74
N PRO A 575 -23.35 10.64 9.98
CA PRO A 575 -24.61 10.31 10.67
C PRO A 575 -25.76 11.15 10.14
N ASP A 576 -26.97 10.72 10.52
CA ASP A 576 -28.19 11.33 10.02
C ASP A 576 -28.41 12.71 10.66
N ILE A 577 -29.17 13.54 9.95
CA ILE A 577 -29.50 14.88 10.42
C ILE A 577 -30.67 15.40 9.60
N SER A 578 -31.36 16.41 10.12
CA SER A 578 -32.52 17.00 9.46
C SER A 578 -32.39 18.52 9.46
N LEU A 579 -32.69 19.13 8.32
CA LEU A 579 -32.65 20.60 8.24
C LEU A 579 -33.70 21.23 9.14
N LYS A 580 -34.88 20.63 9.21
CA LYS A 580 -35.88 21.09 10.16
C LYS A 580 -35.38 20.94 11.58
N ASP A 581 -34.63 19.85 11.85
CA ASP A 581 -34.00 19.70 13.16
C ASP A 581 -33.00 20.81 13.40
N LEU A 582 -32.27 21.22 12.35
CA LEU A 582 -31.36 22.34 12.47
C LEU A 582 -32.10 23.62 12.84
N GLN A 583 -33.24 23.86 12.20
CA GLN A 583 -34.04 25.04 12.54
C GLN A 583 -34.53 24.98 13.98
N PHE A 584 -34.98 23.80 14.41
CA PHE A 584 -35.46 23.63 15.78
C PHE A 584 -34.35 23.89 16.78
N LEU A 585 -33.16 23.36 16.52
CA LEU A 585 -32.03 23.63 17.39
C LEU A 585 -31.68 25.11 17.40
N GLN A 586 -31.68 25.74 16.22
CA GLN A 586 -31.35 27.15 16.14
C GLN A 586 -32.33 27.99 16.95
N SER A 587 -33.61 27.66 16.87
CA SER A 587 -34.60 28.33 17.71
C SER A 587 -34.34 28.07 19.18
N PHE A 588 -34.04 26.81 19.53
CA PHE A 588 -33.94 26.42 20.93
C PHE A 588 -32.59 26.74 21.55
N CYS A 589 -31.55 26.93 20.74
CA CYS A 589 -30.20 27.00 21.29
C CYS A 589 -29.96 28.32 22.01
N PRO A 590 -28.95 28.37 22.87
CA PRO A 590 -28.56 29.61 23.53
C PRO A 590 -27.81 30.57 22.59
N SER A 591 -27.20 31.61 23.17
CA SER A 591 -26.50 32.62 22.40
C SER A 591 -25.47 32.05 21.42
N GLU A 592 -25.13 30.76 21.55
CA GLU A 592 -24.30 30.09 20.56
C GLU A 592 -24.96 30.03 19.19
N VAL A 593 -26.20 30.53 19.06
CA VAL A 593 -26.88 30.53 17.76
C VAL A 593 -26.05 31.25 16.71
N GLN A 594 -25.38 32.32 17.10
CA GLN A 594 -24.42 32.97 16.20
C GLN A 594 -23.35 32.00 15.72
N PRO A 595 -22.75 31.17 16.58
CA PRO A 595 -21.80 30.18 16.07
C PRO A 595 -22.42 29.22 15.07
N PHE A 596 -23.73 29.03 15.11
CA PHE A 596 -24.44 28.21 14.13
C PHE A 596 -25.33 29.03 13.21
N LEU A 597 -25.26 30.35 13.26
CA LEU A 597 -26.09 31.19 12.41
C LEU A 597 -25.74 31.02 10.94
N CYS B 160 -15.89 -50.64 -55.17
CA CYS B 160 -14.59 -50.47 -54.52
C CYS B 160 -14.22 -49.00 -54.43
N SER B 161 -13.32 -48.56 -55.31
CA SER B 161 -12.89 -47.16 -55.32
C SER B 161 -14.01 -46.22 -55.71
N ASN B 162 -15.06 -46.72 -56.37
CA ASN B 162 -16.20 -45.86 -56.70
C ASN B 162 -16.87 -45.32 -55.45
N SER B 163 -16.91 -46.11 -54.38
CA SER B 163 -17.49 -45.63 -53.13
C SER B 163 -16.71 -44.42 -52.61
N TYR B 164 -15.38 -44.48 -52.69
CA TYR B 164 -14.59 -43.32 -52.28
C TYR B 164 -14.78 -42.15 -53.24
N GLN B 165 -14.86 -42.43 -54.54
CA GLN B 165 -15.06 -41.38 -55.54
C GLN B 165 -16.43 -40.74 -55.42
N LYS B 166 -17.35 -41.38 -54.71
CA LYS B 166 -18.70 -40.82 -54.56
C LYS B 166 -18.68 -39.45 -53.90
N LEU B 167 -17.64 -39.11 -53.15
CA LEU B 167 -17.53 -37.77 -52.60
C LEU B 167 -17.47 -36.72 -53.70
N LEU B 168 -16.52 -36.87 -54.62
CA LEU B 168 -16.46 -35.96 -55.76
C LEU B 168 -17.67 -36.12 -56.67
N PHE B 169 -18.27 -37.32 -56.70
CA PHE B 169 -19.48 -37.52 -57.48
C PHE B 169 -20.61 -36.66 -56.96
N LYS B 170 -20.78 -36.62 -55.63
CA LYS B 170 -21.76 -35.73 -55.02
C LYS B 170 -21.38 -34.27 -55.28
N PHE B 171 -20.08 -33.97 -55.22
CA PHE B 171 -19.63 -32.62 -55.56
C PHE B 171 -20.04 -32.24 -56.98
N GLU B 172 -20.11 -33.23 -57.88
CA GLU B 172 -20.46 -32.94 -59.27
C GLU B 172 -21.86 -32.35 -59.38
N SER B 173 -22.80 -32.86 -58.59
CA SER B 173 -24.11 -32.23 -58.53
C SER B 173 -23.99 -30.79 -58.06
N ILE B 174 -23.18 -30.55 -57.03
CA ILE B 174 -22.88 -29.17 -56.64
C ILE B 174 -22.20 -28.45 -57.79
N TYR B 175 -21.26 -29.12 -58.45
CA TYR B 175 -20.70 -28.57 -59.67
C TYR B 175 -21.77 -28.39 -60.74
N SER B 176 -22.64 -29.40 -60.89
CA SER B 176 -23.80 -29.23 -61.76
C SER B 176 -24.63 -28.04 -61.29
N ASN B 177 -24.84 -27.92 -59.99
CA ASN B 177 -25.44 -26.71 -59.44
C ASN B 177 -24.55 -25.51 -59.72
N TYR B 178 -23.24 -25.65 -59.50
CA TYR B 178 -22.32 -24.56 -59.76
C TYR B 178 -22.21 -24.24 -61.24
N LEU B 179 -22.54 -25.19 -62.12
CA LEU B 179 -22.39 -24.97 -63.56
C LEU B 179 -23.07 -23.68 -63.98
N GLN B 180 -24.32 -23.49 -63.56
CA GLN B 180 -24.98 -22.20 -63.78
C GLN B 180 -24.44 -21.16 -62.82
N SER B 181 -24.15 -21.56 -61.58
CA SER B 181 -23.65 -20.61 -60.60
C SER B 181 -22.32 -20.01 -61.04
N ILE B 182 -21.43 -20.85 -61.57
CA ILE B 182 -20.19 -20.33 -62.14
C ILE B 182 -20.51 -19.42 -63.32
N GLU B 183 -21.44 -19.84 -64.18
CA GLU B 183 -21.93 -18.95 -65.21
C GLU B 183 -22.50 -17.68 -64.59
N ASP B 184 -23.26 -17.83 -63.50
CA ASP B 184 -23.64 -16.66 -62.72
C ASP B 184 -22.43 -15.97 -62.14
N ILE B 185 -21.47 -16.74 -61.62
CA ILE B 185 -20.23 -16.17 -61.12
C ILE B 185 -19.49 -15.48 -62.25
N LYS B 186 -19.56 -16.04 -63.46
CA LYS B 186 -19.01 -15.36 -64.62
C LYS B 186 -19.65 -13.99 -64.78
N LEU B 187 -20.97 -13.93 -64.67
CA LEU B 187 -21.65 -12.64 -64.63
C LEU B 187 -21.17 -11.82 -63.44
N LYS B 188 -21.04 -12.48 -62.28
CA LYS B 188 -20.42 -11.82 -61.13
C LYS B 188 -18.99 -11.42 -61.46
N LEU B 189 -18.28 -12.25 -62.23
CA LEU B 189 -16.93 -11.90 -62.64
C LEU B 189 -16.92 -10.66 -63.52
N THR B 190 -17.88 -10.55 -64.44
CA THR B 190 -17.95 -9.37 -65.30
C THR B 190 -18.25 -8.13 -64.49
N HIS B 191 -19.20 -8.23 -63.56
CA HIS B 191 -19.47 -7.11 -62.66
C HIS B 191 -18.21 -6.75 -61.87
N LEU B 192 -17.46 -7.75 -61.45
CA LEU B 192 -16.22 -7.49 -60.72
C LEU B 192 -15.22 -6.76 -61.59
N GLY B 193 -15.11 -7.14 -62.86
CA GLY B 193 -14.22 -6.43 -63.75
C GLY B 193 -14.63 -4.98 -63.94
N THR B 194 -15.92 -4.74 -64.11
CA THR B 194 -16.41 -3.38 -64.21
C THR B 194 -16.07 -2.60 -62.93
N ALA B 195 -16.27 -3.22 -61.77
CA ALA B 195 -15.97 -2.62 -60.48
C ALA B 195 -14.46 -2.39 -60.32
N VAL B 196 -13.61 -3.26 -60.86
CA VAL B 196 -12.17 -3.07 -60.92
C VAL B 196 -11.81 -1.86 -61.76
N SER B 197 -12.49 -1.66 -62.90
CA SER B 197 -12.29 -0.45 -63.70
C SER B 197 -12.72 0.79 -62.93
N VAL B 198 -13.84 0.71 -62.21
CA VAL B 198 -14.34 1.78 -61.37
C VAL B 198 -13.39 2.07 -60.21
N MET B 199 -12.76 1.05 -59.64
CA MET B 199 -11.71 1.15 -58.64
C MET B 199 -10.44 1.79 -59.20
N ALA B 200 -10.15 1.57 -60.49
CA ALA B 200 -9.08 2.25 -61.20
C ALA B 200 -9.40 3.72 -61.38
N LYS B 201 -10.66 4.04 -61.67
CA LYS B 201 -11.09 5.43 -61.67
C LYS B 201 -11.01 6.00 -60.25
N ILE B 202 -11.27 5.17 -59.25
CA ILE B 202 -11.21 5.58 -57.85
C ILE B 202 -9.76 5.77 -57.43
N PRO B 203 -9.48 6.63 -56.46
CA PRO B 203 -8.11 6.80 -55.98
C PRO B 203 -7.83 5.87 -54.80
N LEU B 204 -6.59 5.92 -54.31
CA LEU B 204 -6.21 5.16 -53.13
C LEU B 204 -5.28 5.93 -52.20
N LEU B 205 -5.09 7.24 -52.42
CA LEU B 205 -4.05 7.98 -51.70
C LEU B 205 -4.36 8.14 -50.23
N GLU B 206 -5.64 8.20 -49.85
CA GLU B 206 -6.01 8.42 -48.46
C GLU B 206 -5.44 7.33 -47.59
N CYS B 207 -4.89 7.72 -46.43
CA CYS B 207 -4.35 6.79 -45.45
C CYS B 207 -3.25 5.91 -46.05
N LEU B 208 -2.43 6.50 -46.90
CA LEU B 208 -1.31 5.75 -47.47
C LEU B 208 -0.27 5.45 -46.39
N THR B 209 0.24 4.23 -46.40
CA THR B 209 1.23 3.82 -45.43
C THR B 209 2.01 2.60 -45.91
N PHE B 304 1.75 6.62 -53.41
CA PHE B 304 0.88 7.80 -53.47
C PHE B 304 0.42 8.08 -54.90
N ASN B 305 -0.81 8.57 -55.03
CA ASN B 305 -1.49 8.97 -56.27
C ASN B 305 -1.91 7.77 -57.13
N VAL B 306 -1.71 6.54 -56.66
CA VAL B 306 -2.19 5.37 -57.38
C VAL B 306 -3.70 5.28 -57.22
N SER B 307 -4.31 4.31 -57.89
CA SER B 307 -5.75 4.13 -57.85
C SER B 307 -6.14 3.04 -56.85
N LEU B 308 -7.44 2.99 -56.57
CA LEU B 308 -7.96 1.96 -55.67
C LEU B 308 -7.71 0.57 -56.23
N LEU B 309 -8.06 0.35 -57.50
CA LEU B 309 -7.77 -0.93 -58.13
C LEU B 309 -6.27 -1.18 -58.19
N ASP B 310 -5.49 -0.14 -58.47
CA ASP B 310 -4.04 -0.27 -58.50
C ASP B 310 -3.52 -0.76 -57.16
N TRP B 311 -3.88 -0.05 -56.08
CA TRP B 311 -3.42 -0.44 -54.76
C TRP B 311 -3.87 -1.84 -54.40
N ILE B 312 -5.14 -2.15 -54.69
CA ILE B 312 -5.68 -3.46 -54.35
C ILE B 312 -4.91 -4.56 -55.05
N ASN B 313 -4.69 -4.40 -56.35
CA ASN B 313 -3.91 -5.38 -57.09
C ASN B 313 -2.50 -5.48 -56.51
N VAL B 314 -1.90 -4.33 -56.20
CA VAL B 314 -0.58 -4.31 -55.60
C VAL B 314 -0.61 -4.63 -54.11
N GLN B 315 -1.79 -4.59 -53.48
CA GLN B 315 -1.87 -4.89 -52.06
C GLN B 315 -1.27 -6.25 -51.75
N ASP B 316 -1.34 -7.18 -52.70
CA ASP B 316 -0.59 -8.41 -52.64
C ASP B 316 0.33 -8.45 -53.85
N ARG B 317 1.63 -8.44 -53.60
CA ARG B 317 2.59 -8.58 -54.69
C ARG B 317 2.47 -9.92 -55.40
N PRO B 318 2.34 -11.04 -54.69
CA PRO B 318 2.33 -12.35 -55.38
C PRO B 318 1.20 -12.52 -56.38
N ASN B 319 0.02 -11.97 -56.09
CA ASN B 319 -1.13 -12.18 -56.96
C ASN B 319 -2.05 -10.97 -56.88
N ASP B 320 -2.90 -10.84 -57.89
CA ASP B 320 -3.78 -9.68 -58.00
C ASP B 320 -5.06 -10.09 -58.73
N VAL B 321 -5.88 -9.08 -59.06
CA VAL B 321 -7.19 -9.35 -59.64
C VAL B 321 -7.05 -10.07 -60.97
N GLU B 322 -6.09 -9.65 -61.79
CA GLU B 322 -5.86 -10.34 -63.05
C GLU B 322 -5.40 -11.77 -62.80
N SER B 323 -4.55 -11.97 -61.79
CA SER B 323 -4.07 -13.30 -61.46
C SER B 323 -5.24 -14.22 -61.10
N LEU B 324 -6.08 -13.78 -60.17
CA LEU B 324 -7.21 -14.61 -59.77
C LEU B 324 -8.23 -14.76 -60.90
N VAL B 325 -8.35 -13.75 -61.75
CA VAL B 325 -9.29 -13.84 -62.86
C VAL B 325 -8.84 -14.89 -63.86
N ARG B 326 -7.55 -14.87 -64.21
CA ARG B 326 -7.02 -15.89 -65.09
C ARG B 326 -7.12 -17.27 -64.45
N LYS B 327 -6.88 -17.34 -63.14
CA LYS B 327 -7.04 -18.61 -62.44
C LYS B 327 -8.48 -19.10 -62.52
N CYS B 328 -9.45 -18.19 -62.38
CA CYS B 328 -10.85 -18.58 -62.48
C CYS B 328 -11.19 -19.05 -63.89
N PHE B 329 -10.66 -18.37 -64.90
CA PHE B 329 -10.88 -18.82 -66.27
C PHE B 329 -10.28 -20.21 -66.48
N ASP B 330 -9.10 -20.45 -65.92
CA ASP B 330 -8.47 -21.76 -66.02
C ASP B 330 -9.30 -22.82 -65.31
N SER B 331 -9.86 -22.46 -64.15
CA SER B 331 -10.73 -23.41 -63.46
C SER B 331 -11.96 -23.72 -64.28
N MET B 332 -12.54 -22.71 -64.91
CA MET B 332 -13.67 -22.93 -65.80
C MET B 332 -13.28 -23.87 -66.92
N SER B 333 -12.10 -23.67 -67.50
CA SER B 333 -11.62 -24.56 -68.54
C SER B 333 -11.48 -25.99 -68.02
N ARG B 334 -10.93 -26.13 -66.81
CA ARG B 334 -10.79 -27.45 -66.22
C ARG B 334 -12.15 -28.09 -65.96
N LEU B 335 -13.18 -27.28 -65.75
CA LEU B 335 -14.54 -27.75 -65.56
C LEU B 335 -15.43 -27.28 -66.69
N ASP B 336 -14.93 -27.37 -67.92
CA ASP B 336 -15.58 -26.77 -69.07
C ASP B 336 -16.95 -27.39 -69.33
N PRO B 337 -18.03 -26.60 -69.31
CA PRO B 337 -19.33 -27.15 -69.71
C PRO B 337 -19.35 -27.63 -71.14
N ARG B 338 -18.57 -27.00 -72.02
CA ARG B 338 -18.53 -27.41 -73.42
C ARG B 338 -18.04 -28.84 -73.56
N ILE B 339 -16.97 -29.19 -72.83
CA ILE B 339 -16.44 -30.55 -72.89
C ILE B 339 -16.21 -31.13 -71.50
N ILE B 340 -15.39 -30.45 -70.70
CA ILE B 340 -14.83 -31.08 -69.50
C ILE B 340 -15.93 -31.44 -68.51
N ARG B 341 -16.81 -30.49 -68.20
CA ARG B 341 -17.99 -30.83 -67.42
C ARG B 341 -18.82 -31.91 -68.08
N PRO B 342 -19.14 -31.82 -69.38
CA PRO B 342 -19.72 -32.99 -70.05
C PRO B 342 -18.82 -34.20 -69.99
N PHE B 343 -17.50 -34.01 -70.10
CA PHE B 343 -16.57 -35.13 -69.95
C PHE B 343 -16.60 -35.67 -68.54
N ILE B 344 -16.69 -34.79 -67.54
CA ILE B 344 -16.78 -35.25 -66.16
C ILE B 344 -18.03 -36.09 -65.96
N ALA B 345 -19.16 -35.63 -66.51
CA ALA B 345 -20.40 -36.39 -66.40
C ALA B 345 -20.30 -37.72 -67.15
N GLU B 346 -19.66 -37.71 -68.32
CA GLU B 346 -19.48 -38.95 -69.06
C GLU B 346 -18.63 -39.94 -68.28
N CYS B 347 -17.59 -39.45 -67.60
CA CYS B 347 -16.78 -40.32 -66.75
C CYS B 347 -17.59 -40.84 -65.57
N ARG B 348 -18.42 -39.98 -64.97
CA ARG B 348 -19.26 -40.43 -63.87
C ARG B 348 -20.21 -41.52 -64.33
N GLN B 349 -20.75 -41.40 -65.54
CA GLN B 349 -21.61 -42.44 -66.08
C GLN B 349 -20.83 -43.72 -66.35
N THR B 350 -19.67 -43.60 -67.01
CA THR B 350 -18.86 -44.75 -67.35
C THR B 350 -18.28 -45.44 -66.12
N ILE B 351 -18.33 -44.79 -64.96
CA ILE B 351 -17.91 -45.43 -63.72
C ILE B 351 -18.66 -46.75 -63.51
N ALA B 352 -19.86 -46.88 -64.07
CA ALA B 352 -20.61 -48.12 -64.00
C ALA B 352 -20.38 -49.03 -65.19
N LYS B 353 -19.57 -48.62 -66.16
CA LYS B 353 -19.33 -49.43 -67.35
C LYS B 353 -18.47 -50.64 -67.01
N HIS B 461 -10.29 -50.85 -58.14
CA HIS B 461 -9.56 -50.75 -59.39
C HIS B 461 -9.84 -49.41 -60.08
N ALA B 462 -10.72 -48.62 -59.48
CA ALA B 462 -11.14 -47.32 -60.02
C ALA B 462 -10.34 -46.16 -59.42
N ASP B 463 -9.08 -46.37 -59.06
CA ASP B 463 -8.31 -45.36 -58.36
C ASP B 463 -8.11 -44.10 -59.20
N GLN B 464 -7.81 -44.26 -60.49
CA GLN B 464 -7.42 -43.12 -61.31
C GLN B 464 -8.58 -42.14 -61.48
N ASP B 465 -9.74 -42.66 -61.89
CA ASP B 465 -10.89 -41.78 -62.10
C ASP B 465 -11.31 -41.11 -60.80
N GLY B 466 -11.31 -41.85 -59.70
CA GLY B 466 -11.68 -41.26 -58.42
C GLY B 466 -10.73 -40.18 -57.98
N GLU B 467 -9.41 -40.43 -58.12
CA GLU B 467 -8.43 -39.42 -57.75
C GLU B 467 -8.57 -38.18 -58.61
N LYS B 468 -8.76 -38.36 -59.91
CA LYS B 468 -8.94 -37.21 -60.80
C LYS B 468 -10.17 -36.41 -60.41
N LEU B 469 -11.28 -37.10 -60.15
CA LEU B 469 -12.52 -36.41 -59.79
C LEU B 469 -12.38 -35.68 -58.47
N GLN B 470 -11.75 -36.31 -57.48
CA GLN B 470 -11.57 -35.65 -56.19
C GLN B 470 -10.68 -34.42 -56.33
N ALA B 471 -9.59 -34.53 -57.09
CA ALA B 471 -8.72 -33.38 -57.28
C ALA B 471 -9.45 -32.26 -58.00
N LEU B 472 -10.23 -32.60 -59.03
CA LEU B 472 -10.98 -31.60 -59.75
C LEU B 472 -12.01 -30.94 -58.84
N LEU B 473 -12.65 -31.73 -57.98
CA LEU B 473 -13.63 -31.17 -57.04
C LEU B 473 -12.95 -30.24 -56.05
N ARG B 474 -11.76 -30.61 -55.57
CA ARG B 474 -11.02 -29.72 -54.68
C ARG B 474 -10.67 -28.43 -55.38
N LEU B 475 -10.21 -28.52 -56.62
CA LEU B 475 -9.90 -27.32 -57.39
C LEU B 475 -11.14 -26.47 -57.59
N VAL B 476 -12.28 -27.10 -57.86
CA VAL B 476 -13.50 -26.36 -58.09
C VAL B 476 -13.96 -25.67 -56.81
N ILE B 477 -13.82 -26.35 -55.67
CA ILE B 477 -14.17 -25.74 -54.39
C ILE B 477 -13.26 -24.56 -54.11
N GLU B 478 -11.97 -24.71 -54.38
CA GLU B 478 -11.05 -23.59 -54.26
C GLU B 478 -11.46 -22.46 -55.19
N LEU B 479 -11.92 -22.81 -56.39
CA LEU B 479 -12.37 -21.80 -57.34
C LEU B 479 -13.58 -21.05 -56.80
N LEU B 480 -14.51 -21.77 -56.19
CA LEU B 480 -15.69 -21.12 -55.62
C LEU B 480 -15.29 -20.19 -54.48
N GLU B 481 -14.37 -20.64 -53.63
CA GLU B 481 -13.91 -19.79 -52.54
C GLU B 481 -13.21 -18.55 -53.09
N ARG B 482 -12.38 -18.71 -54.11
CA ARG B 482 -11.74 -17.56 -54.73
C ARG B 482 -12.79 -16.66 -55.36
N VAL B 483 -13.85 -17.23 -55.90
CA VAL B 483 -14.93 -16.44 -56.48
C VAL B 483 -15.59 -15.62 -55.39
N LYS B 484 -15.77 -16.21 -54.21
CA LYS B 484 -16.28 -15.45 -53.09
C LYS B 484 -15.35 -14.32 -52.73
N ILE B 485 -14.05 -14.58 -52.74
CA ILE B 485 -13.07 -13.53 -52.49
C ILE B 485 -13.20 -12.44 -53.55
N VAL B 486 -13.46 -12.84 -54.79
CA VAL B 486 -13.59 -11.90 -55.89
C VAL B 486 -14.80 -11.01 -55.68
N GLU B 487 -15.92 -11.63 -55.26
CA GLU B 487 -17.16 -10.97 -54.98
C GLU B 487 -16.99 -9.98 -53.84
N ALA B 488 -16.29 -10.37 -52.78
CA ALA B 488 -15.93 -9.47 -51.68
C ALA B 488 -15.08 -8.31 -52.21
N LEU B 489 -14.12 -8.58 -53.08
CA LEU B 489 -13.34 -7.55 -53.76
C LEU B 489 -14.18 -6.68 -54.71
N SER B 490 -15.22 -7.22 -55.33
CA SER B 490 -16.12 -6.48 -56.21
C SER B 490 -17.09 -5.61 -55.41
N THR B 491 -17.44 -6.05 -54.20
CA THR B 491 -18.03 -5.25 -53.16
C THR B 491 -17.03 -4.24 -52.60
N VAL B 492 -15.73 -4.50 -52.69
CA VAL B 492 -14.70 -3.71 -52.03
C VAL B 492 -14.68 -2.24 -52.44
N PRO B 493 -14.98 -1.83 -53.68
CA PRO B 493 -15.20 -0.42 -54.00
C PRO B 493 -16.35 0.21 -53.19
N GLN B 494 -17.48 -0.50 -53.08
CA GLN B 494 -18.57 -0.09 -52.20
C GLN B 494 -18.16 -0.09 -50.73
N MET B 495 -17.47 -1.15 -50.30
CA MET B 495 -16.91 -1.28 -48.96
C MET B 495 -15.89 -0.18 -48.65
N TYR B 496 -15.14 0.29 -49.64
CA TYR B 496 -14.18 1.39 -49.51
C TYR B 496 -14.88 2.72 -49.34
N CYS B 497 -15.90 3.00 -50.17
CA CYS B 497 -16.74 4.18 -50.00
C CYS B 497 -17.44 4.19 -48.64
N LEU B 498 -17.94 3.02 -48.20
CA LEU B 498 -18.50 2.82 -46.87
C LEU B 498 -17.47 2.99 -45.75
N ALA B 499 -16.26 2.44 -45.89
CA ALA B 499 -15.19 2.57 -44.92
C ALA B 499 -14.72 4.01 -44.78
N VAL B 500 -14.64 4.76 -45.88
CA VAL B 500 -14.38 6.19 -45.86
C VAL B 500 -15.48 6.95 -45.09
N VAL B 501 -16.74 6.62 -45.35
CA VAL B 501 -17.86 7.17 -44.59
C VAL B 501 -17.74 6.84 -43.09
N GLU B 502 -17.45 5.58 -42.75
CA GLU B 502 -17.25 5.14 -41.37
C GLU B 502 -16.07 5.83 -40.70
N VAL B 503 -14.95 6.02 -41.41
CA VAL B 503 -13.79 6.73 -40.91
C VAL B 503 -14.11 8.21 -40.68
N VAL B 504 -14.84 8.86 -41.59
CA VAL B 504 -15.25 10.25 -41.36
C VAL B 504 -16.17 10.33 -40.15
N ARG B 505 -17.11 9.38 -40.04
CA ARG B 505 -18.00 9.35 -38.88
C ARG B 505 -17.21 9.16 -37.60
N ARG B 506 -16.21 8.29 -37.63
CA ARG B 506 -15.39 8.06 -36.44
C ARG B 506 -14.62 9.31 -36.06
N LYS B 507 -14.13 10.05 -37.06
CA LYS B 507 -13.44 11.30 -36.77
C LYS B 507 -14.38 12.30 -36.11
N MET B 508 -15.58 12.43 -36.66
CA MET B 508 -16.56 13.35 -36.07
C MET B 508 -16.90 12.94 -34.65
N PHE B 509 -17.12 11.63 -34.44
CA PHE B 509 -17.45 11.14 -33.11
C PHE B 509 -16.31 11.35 -32.14
N ILE B 510 -15.07 11.15 -32.60
CA ILE B 510 -13.92 11.37 -31.74
C ILE B 510 -13.83 12.83 -31.34
N LYS B 511 -14.04 13.74 -32.30
CA LYS B 511 -14.01 15.16 -31.98
C LYS B 511 -15.08 15.51 -30.96
N HIS B 512 -16.32 15.10 -31.20
CA HIS B 512 -17.41 15.42 -30.30
C HIS B 512 -17.18 14.81 -28.92
N TYR B 513 -16.72 13.56 -28.88
CA TYR B 513 -16.48 12.90 -27.61
C TYR B 513 -15.35 13.56 -26.86
N ARG B 514 -14.29 13.97 -27.55
CA ARG B 514 -13.22 14.69 -26.91
C ARG B 514 -13.75 15.98 -26.27
N GLU B 515 -14.53 16.74 -27.02
CA GLU B 515 -15.07 17.99 -26.49
C GLU B 515 -15.93 17.74 -25.26
N TRP B 516 -16.88 16.81 -25.37
CA TRP B 516 -17.80 16.56 -24.26
C TRP B 516 -17.07 16.02 -23.04
N ALA B 517 -16.17 15.06 -23.25
CA ALA B 517 -15.43 14.47 -22.13
C ALA B 517 -14.54 15.50 -21.46
N GLY B 518 -13.90 16.36 -22.25
CA GLY B 518 -13.07 17.39 -21.64
C GLY B 518 -13.88 18.38 -20.83
N ALA B 519 -15.04 18.80 -21.35
CA ALA B 519 -15.90 19.69 -20.58
C ALA B 519 -16.33 19.02 -19.28
N LEU B 520 -16.71 17.75 -19.36
CA LEU B 520 -17.12 17.02 -18.16
C LEU B 520 -15.97 16.93 -17.15
N VAL B 521 -14.78 16.60 -17.63
CA VAL B 521 -13.64 16.46 -16.73
C VAL B 521 -13.31 17.79 -16.07
N LYS B 522 -13.37 18.88 -16.84
CA LYS B 522 -13.09 20.19 -16.26
C LYS B 522 -14.11 20.57 -15.21
N ASP B 523 -15.38 20.36 -15.50
CA ASP B 523 -16.42 20.68 -14.52
C ASP B 523 -16.26 19.84 -13.27
N GLY B 524 -15.98 18.55 -13.44
CA GLY B 524 -15.78 17.69 -12.28
C GLY B 524 -14.56 18.08 -11.47
N LYS B 525 -13.49 18.50 -12.15
CA LYS B 525 -12.32 18.97 -11.44
C LYS B 525 -12.64 20.21 -10.63
N ARG B 526 -13.38 21.15 -11.22
CA ARG B 526 -13.76 22.35 -10.49
C ARG B 526 -14.59 22.01 -9.27
N LEU B 527 -15.56 21.11 -9.44
CA LEU B 527 -16.40 20.71 -8.32
C LEU B 527 -15.59 20.02 -7.23
N TYR B 528 -14.72 19.09 -7.62
CA TYR B 528 -13.92 18.37 -6.64
C TYR B 528 -12.99 19.32 -5.90
N GLU B 529 -12.41 20.28 -6.61
CA GLU B 529 -11.54 21.25 -5.96
C GLU B 529 -12.33 22.09 -4.96
N ALA B 530 -13.51 22.57 -5.34
CA ALA B 530 -14.30 23.38 -4.42
C ALA B 530 -14.70 22.58 -3.19
N GLU B 531 -15.12 21.33 -3.39
CA GLU B 531 -15.49 20.50 -2.26
C GLU B 531 -14.30 20.22 -1.36
N LYS B 532 -13.14 19.95 -1.96
CA LYS B 532 -11.95 19.69 -1.18
C LYS B 532 -11.55 20.92 -0.38
N SER B 533 -11.71 22.11 -0.97
CA SER B 533 -11.40 23.34 -0.27
C SER B 533 -12.33 23.53 0.93
N LYS B 534 -13.64 23.35 0.72
CA LYS B 534 -14.57 23.50 1.81
C LYS B 534 -14.30 22.48 2.91
N ARG B 535 -14.05 21.23 2.52
CA ARG B 535 -13.78 20.18 3.50
C ARG B 535 -12.48 20.46 4.26
N GLU B 536 -11.46 20.94 3.56
CA GLU B 536 -10.21 21.29 4.23
C GLU B 536 -10.42 22.42 5.22
N SER B 537 -11.21 23.42 4.85
CA SER B 537 -11.50 24.51 5.77
C SER B 537 -12.20 23.98 7.02
N PHE B 538 -13.22 23.14 6.83
CA PHE B 538 -13.96 22.61 7.97
C PHE B 538 -13.07 21.75 8.84
N GLY B 539 -12.24 20.91 8.23
CA GLY B 539 -11.35 20.06 8.99
C GLY B 539 -10.32 20.86 9.78
N LYS B 540 -9.74 21.88 9.14
CA LYS B 540 -8.80 22.75 9.82
C LYS B 540 -9.45 23.40 11.02
N LEU B 541 -10.64 23.96 10.82
CA LEU B 541 -11.39 24.49 11.95
C LEU B 541 -11.67 23.38 12.94
N PHE B 542 -11.06 23.45 14.12
CA PHE B 542 -11.22 22.43 15.15
C PHE B 542 -10.85 21.05 14.62
N ARG B 543 -9.59 20.90 14.20
CA ARG B 543 -9.15 19.64 13.66
C ARG B 543 -9.22 18.52 14.68
N LYS B 544 -9.08 18.84 15.97
CA LYS B 544 -9.10 17.81 17.01
C LYS B 544 -9.80 18.30 18.28
N SER B 545 -10.91 19.01 18.14
CA SER B 545 -11.60 19.58 19.28
C SER B 545 -12.82 18.76 19.65
N PHE B 546 -13.13 18.75 20.95
CA PHE B 546 -14.39 18.20 21.46
C PHE B 546 -14.60 16.76 21.02
N LEU B 547 -13.50 16.03 20.86
CA LEU B 547 -13.54 14.65 20.39
C LEU B 547 -14.40 14.55 19.14
N ARG B 548 -14.08 15.40 18.16
CA ARG B 548 -14.84 15.42 16.91
C ARG B 548 -14.92 14.03 16.28
N ASN B 549 -13.82 13.28 16.32
CA ASN B 549 -13.85 11.90 15.84
C ASN B 549 -14.73 11.02 16.72
N ARG B 550 -14.98 11.42 17.97
CA ARG B 550 -15.79 10.65 18.90
C ARG B 550 -17.19 11.22 19.08
N LEU B 551 -17.29 12.52 19.35
CA LEU B 551 -18.59 13.16 19.50
C LEU B 551 -19.38 13.06 18.20
N PHE B 552 -18.94 13.77 17.17
CA PHE B 552 -19.43 13.52 15.83
C PHE B 552 -18.65 12.34 15.27
N ARG B 553 -18.82 12.05 13.98
CA ARG B 553 -18.10 10.93 13.39
C ARG B 553 -18.17 11.02 11.88
N GLY B 554 -17.08 10.61 11.23
CA GLY B 554 -17.07 10.47 9.80
C GLY B 554 -16.97 11.76 9.01
N LEU B 555 -16.92 12.92 9.69
CA LEU B 555 -16.78 14.16 8.97
C LEU B 555 -15.47 14.23 8.19
N ASP B 556 -14.48 13.42 8.59
CA ASP B 556 -13.16 13.46 7.97
C ASP B 556 -13.14 12.90 6.56
N SER B 557 -14.21 12.29 6.10
CA SER B 557 -14.21 11.66 4.77
C SER B 557 -14.06 12.73 3.70
N TRP B 558 -12.98 12.63 2.93
CA TRP B 558 -12.80 13.51 1.79
C TRP B 558 -13.83 13.17 0.72
N PRO B 559 -14.49 14.18 0.13
CA PRO B 559 -15.52 13.90 -0.86
C PRO B 559 -14.94 13.16 -2.04
N PRO B 560 -15.69 12.24 -2.64
CA PRO B 560 -15.16 11.50 -3.79
C PRO B 560 -14.91 12.42 -4.98
N SER B 561 -13.90 12.07 -5.79
CA SER B 561 -13.52 12.90 -6.91
C SER B 561 -13.19 12.08 -8.16
N PHE B 562 -13.74 10.88 -8.31
CA PHE B 562 -13.43 10.06 -9.48
C PHE B 562 -13.94 10.71 -10.77
N CYS B 563 -15.12 11.32 -10.72
CA CYS B 563 -15.69 11.93 -11.91
C CYS B 563 -14.86 13.09 -12.44
N THR B 564 -13.98 13.65 -11.62
CA THR B 564 -13.19 14.80 -12.05
C THR B 564 -12.21 14.45 -13.17
N GLN B 565 -11.69 13.22 -13.16
CA GLN B 565 -10.63 12.85 -14.09
C GLN B 565 -11.13 12.81 -15.53
N LYS B 566 -10.18 12.86 -16.47
CA LYS B 566 -10.45 12.84 -17.89
C LYS B 566 -10.16 11.47 -18.48
N PRO B 567 -10.78 11.12 -19.59
CA PRO B 567 -10.56 9.81 -20.21
C PRO B 567 -9.20 9.75 -20.90
N ARG B 568 -8.77 8.51 -21.17
CA ARG B 568 -7.52 8.28 -21.88
C ARG B 568 -7.76 8.39 -23.39
N LYS B 569 -6.70 8.14 -24.16
CA LYS B 569 -6.81 8.16 -25.61
C LYS B 569 -7.61 6.98 -26.10
N PHE B 570 -8.43 7.22 -27.13
CA PHE B 570 -9.27 6.18 -27.69
C PHE B 570 -9.23 6.25 -29.21
N ASP B 571 -9.35 5.08 -29.84
CA ASP B 571 -9.39 4.98 -31.31
C ASP B 571 -8.16 5.60 -31.96
N CYS B 572 -6.99 5.47 -31.32
CA CYS B 572 -5.78 6.06 -31.85
C CYS B 572 -5.25 5.30 -33.07
N GLU B 573 -5.62 4.05 -33.23
CA GLU B 573 -5.11 3.22 -34.33
C GLU B 573 -5.82 3.48 -35.65
N LEU B 574 -6.52 4.61 -35.79
CA LEU B 574 -7.17 4.93 -37.04
C LEU B 574 -6.13 5.11 -38.14
N PRO B 575 -6.41 4.67 -39.37
CA PRO B 575 -5.43 4.86 -40.46
C PRO B 575 -5.22 6.32 -40.84
N ASP B 576 -5.86 7.27 -40.15
CA ASP B 576 -5.62 8.70 -40.36
C ASP B 576 -5.93 9.12 -41.79
N ILE B 577 -7.05 8.64 -42.31
CA ILE B 577 -7.55 9.08 -43.60
C ILE B 577 -8.36 10.36 -43.38
N SER B 578 -7.93 11.46 -43.99
CA SER B 578 -8.59 12.74 -43.79
C SER B 578 -10.01 12.68 -44.32
N LEU B 579 -10.95 13.23 -43.53
CA LEU B 579 -12.35 13.24 -43.93
C LEU B 579 -12.54 14.13 -45.16
N LYS B 580 -11.88 15.28 -45.20
CA LYS B 580 -11.96 16.14 -46.38
C LYS B 580 -11.39 15.45 -47.61
N ASP B 581 -10.27 14.73 -47.44
CA ASP B 581 -9.73 13.92 -48.53
C ASP B 581 -10.71 12.83 -48.92
N LEU B 582 -11.40 12.25 -47.94
CA LEU B 582 -12.42 11.25 -48.26
C LEU B 582 -13.53 11.86 -49.11
N GLN B 583 -13.98 13.07 -48.75
CA GLN B 583 -15.00 13.73 -49.56
C GLN B 583 -14.48 14.04 -50.96
N PHE B 584 -13.22 14.44 -51.07
CA PHE B 584 -12.64 14.71 -52.37
C PHE B 584 -12.62 13.46 -53.23
N LEU B 585 -12.23 12.33 -52.64
CA LEU B 585 -12.19 11.08 -53.40
C LEU B 585 -13.60 10.63 -53.77
N GLN B 586 -14.58 10.86 -52.88
CA GLN B 586 -15.95 10.49 -53.17
C GLN B 586 -16.51 11.30 -54.34
N SER B 587 -16.28 12.62 -54.32
CA SER B 587 -16.70 13.46 -55.43
C SER B 587 -15.99 13.08 -56.72
N PHE B 588 -14.70 12.78 -56.62
CA PHE B 588 -13.93 12.39 -57.79
C PHE B 588 -14.32 11.02 -58.33
N CYS B 589 -15.13 10.26 -57.60
CA CYS B 589 -15.56 8.93 -58.02
C CYS B 589 -17.07 8.86 -57.91
N PRO B 590 -17.79 9.62 -58.75
CA PRO B 590 -19.26 9.53 -58.72
C PRO B 590 -19.78 8.14 -59.05
N SER B 591 -19.06 7.37 -59.85
CA SER B 591 -19.49 6.01 -60.20
C SER B 591 -19.63 5.17 -58.95
N GLU B 592 -20.84 4.68 -58.68
CA GLU B 592 -21.15 3.95 -57.45
C GLU B 592 -20.59 4.70 -56.23
N VAL B 593 -20.75 6.02 -56.20
CA VAL B 593 -20.41 6.85 -55.04
C VAL B 593 -21.43 6.71 -53.91
N GLN B 594 -22.56 6.00 -54.15
CA GLN B 594 -23.58 5.82 -53.12
C GLN B 594 -23.05 5.14 -51.86
N PRO B 595 -22.28 4.03 -51.90
CA PRO B 595 -21.95 3.28 -50.69
C PRO B 595 -21.18 4.07 -49.63
N HIS C 5 -17.19 -18.76 66.68
CA HIS C 5 -18.22 -18.00 65.99
C HIS C 5 -17.88 -16.50 66.00
N THR C 6 -17.15 -16.09 67.03
CA THR C 6 -16.74 -14.69 67.14
C THR C 6 -15.84 -14.28 65.99
N GLU C 7 -15.19 -15.23 65.33
CA GLU C 7 -14.48 -14.92 64.09
C GLU C 7 -15.47 -14.56 63.00
N ILE C 8 -16.55 -15.31 62.87
CA ILE C 8 -17.61 -14.94 61.95
C ILE C 8 -18.19 -13.59 62.36
N LEU C 9 -18.29 -13.35 63.66
CA LEU C 9 -18.76 -12.06 64.14
C LEU C 9 -17.82 -10.95 63.69
N ARG C 10 -16.51 -11.19 63.77
CA ARG C 10 -15.55 -10.20 63.33
C ARG C 10 -15.65 -9.96 61.84
N GLY C 11 -15.87 -11.02 61.07
CA GLY C 11 -16.10 -10.84 59.64
C GLY C 11 -17.32 -10.01 59.36
N LEU C 12 -18.40 -10.26 60.10
CA LEU C 12 -19.60 -9.45 59.97
C LEU C 12 -19.31 -8.00 60.34
N ARG C 13 -18.54 -7.78 61.40
CA ARG C 13 -18.23 -6.43 61.82
C ARG C 13 -17.38 -5.72 60.78
N PHE C 14 -16.47 -6.44 60.15
CA PHE C 14 -15.68 -5.87 59.07
C PHE C 14 -16.58 -5.49 57.91
N THR C 15 -17.53 -6.35 57.58
CA THR C 15 -18.52 -6.00 56.57
C THR C 15 -19.25 -4.73 56.98
N LEU C 16 -19.59 -4.62 58.26
CA LEU C 16 -20.31 -3.46 58.75
C LEU C 16 -19.50 -2.18 58.59
N LEU C 17 -18.24 -2.23 58.99
CA LEU C 17 -17.39 -1.05 58.89
C LEU C 17 -17.18 -0.66 57.44
N PHE C 18 -16.96 -1.65 56.58
CA PHE C 18 -16.83 -1.35 55.15
C PHE C 18 -18.09 -0.71 54.63
N VAL C 19 -19.24 -1.20 55.07
CA VAL C 19 -20.51 -0.63 54.64
C VAL C 19 -20.62 0.81 55.10
N GLN C 20 -20.26 1.06 56.36
CA GLN C 20 -20.38 2.41 56.89
C GLN C 20 -19.47 3.36 56.14
N HIS C 21 -18.23 2.95 55.88
CA HIS C 21 -17.32 3.80 55.14
C HIS C 21 -17.81 4.03 53.73
N VAL C 22 -18.37 3.00 53.10
CA VAL C 22 -18.91 3.16 51.77
C VAL C 22 -20.07 4.14 51.79
N LEU C 23 -20.88 4.08 52.85
CA LEU C 23 -21.97 5.03 52.98
C LEU C 23 -21.43 6.44 53.13
N GLU C 24 -20.34 6.60 53.86
CA GLU C 24 -19.72 7.90 53.97
C GLU C 24 -19.25 8.38 52.61
N ILE C 25 -18.66 7.49 51.82
CA ILE C 25 -18.24 7.84 50.47
C ILE C 25 -19.45 8.26 49.65
N ALA C 26 -20.56 7.56 49.81
CA ALA C 26 -21.78 7.91 49.10
C ALA C 26 -22.26 9.29 49.49
N ALA C 27 -22.23 9.59 50.79
CA ALA C 27 -22.65 10.91 51.24
C ALA C 27 -21.77 11.99 50.65
N LEU C 28 -20.45 11.78 50.67
CA LEU C 28 -19.54 12.73 50.05
C LEU C 28 -19.86 12.89 48.57
N LYS C 29 -20.25 11.80 47.91
CA LYS C 29 -20.68 11.89 46.54
C LYS C 29 -21.93 12.76 46.41
N GLY C 30 -22.82 12.67 47.39
CA GLY C 30 -24.01 13.51 47.37
C GLY C 30 -23.66 14.98 47.38
N SER C 31 -22.65 15.36 48.15
CA SER C 31 -22.19 16.74 48.20
C SER C 31 -20.71 16.74 48.55
N ALA C 32 -19.92 17.41 47.72
CA ALA C 32 -18.47 17.44 47.90
C ALA C 32 -18.06 18.50 48.92
N SER C 33 -16.96 18.23 49.60
CA SER C 33 -16.43 19.12 50.62
C SER C 33 -14.95 19.38 50.34
N GLU C 34 -14.57 20.65 50.34
CA GLU C 34 -13.19 21.05 50.12
C GLU C 34 -12.42 21.28 51.40
N ALA C 35 -13.02 21.00 52.56
CA ALA C 35 -12.33 21.19 53.84
C ALA C 35 -11.10 20.32 53.96
N ALA C 36 -11.04 19.21 53.19
CA ALA C 36 -9.87 18.35 53.22
C ALA C 36 -8.64 19.03 52.63
N GLY C 37 -8.82 20.17 51.97
CA GLY C 37 -7.67 20.88 51.41
C GLY C 37 -6.68 21.32 52.47
N GLY C 38 -7.18 21.75 53.62
CA GLY C 38 -6.33 22.17 54.70
C GLY C 38 -6.26 23.68 54.85
N PRO C 39 -5.17 24.28 54.37
CA PRO C 39 -4.97 25.72 54.61
C PRO C 39 -6.06 26.62 54.04
N GLU C 40 -6.33 26.54 52.75
CA GLU C 40 -7.30 27.44 52.13
C GLU C 40 -7.74 26.95 50.76
N TYR C 41 -8.64 27.69 50.12
CA TYR C 41 -9.13 27.36 48.80
C TYR C 41 -9.68 28.63 48.16
N GLN C 42 -9.36 28.84 46.88
CA GLN C 42 -9.83 30.02 46.18
C GLN C 42 -11.35 30.04 46.17
N LEU C 43 -11.92 31.21 46.47
CA LEU C 43 -13.36 31.33 46.54
C LEU C 43 -14.02 31.02 45.20
N GLN C 44 -13.42 31.49 44.12
CA GLN C 44 -13.97 31.24 42.79
C GLN C 44 -14.08 29.75 42.53
N GLU C 45 -13.05 28.99 42.89
CA GLU C 45 -13.10 27.54 42.75
C GLU C 45 -14.31 26.99 43.47
N SER C 46 -14.56 27.46 44.69
CA SER C 46 -15.77 27.06 45.39
C SER C 46 -17.00 27.45 44.59
N VAL C 47 -17.01 28.67 44.05
CA VAL C 47 -18.14 29.12 43.25
C VAL C 47 -18.25 28.30 41.97
N VAL C 48 -17.12 28.04 41.32
CA VAL C 48 -17.14 27.30 40.07
C VAL C 48 -17.62 25.88 40.30
N ALA C 49 -17.08 25.22 41.33
CA ALA C 49 -17.51 23.87 41.65
C ALA C 49 -18.99 23.87 42.03
N ASP C 50 -19.44 24.90 42.72
CA ASP C 50 -20.85 24.99 43.07
C ASP C 50 -21.72 25.05 41.82
N GLN C 51 -21.36 25.91 40.88
CA GLN C 51 -22.12 26.00 39.65
C GLN C 51 -22.11 24.68 38.90
N ILE C 52 -20.95 24.03 38.85
CA ILE C 52 -20.84 22.76 38.11
C ILE C 52 -21.73 21.71 38.75
N SER C 53 -21.66 21.58 40.07
CA SER C 53 -22.46 20.58 40.76
C SER C 53 -23.94 20.88 40.62
N LEU C 54 -24.32 22.16 40.68
CA LEU C 54 -25.71 22.51 40.47
C LEU C 54 -26.17 22.13 39.07
N LEU C 55 -25.30 22.32 38.07
CA LEU C 55 -25.67 21.98 36.71
C LEU C 55 -25.75 20.47 36.50
N SER C 56 -24.89 19.71 37.18
CA SER C 56 -24.77 18.28 36.92
C SER C 56 -25.28 17.42 38.06
N ARG C 57 -26.14 17.96 38.93
CA ARG C 57 -26.59 17.21 40.08
C ARG C 57 -27.29 15.91 39.68
N GLU C 58 -28.12 15.98 38.64
CA GLU C 58 -28.92 14.83 38.23
C GLU C 58 -28.04 13.61 37.99
N TRP C 59 -27.01 13.76 37.15
CA TRP C 59 -26.11 12.63 36.91
C TRP C 59 -25.34 12.28 38.17
N GLY C 60 -24.98 13.29 38.96
CA GLY C 60 -24.35 13.00 40.24
C GLY C 60 -25.27 12.23 41.14
N PHE C 61 -26.53 12.64 41.22
CA PHE C 61 -27.51 11.90 41.99
C PHE C 61 -27.64 10.47 41.46
N ALA C 62 -27.50 10.30 40.15
CA ALA C 62 -27.59 8.97 39.57
C ALA C 62 -26.44 8.09 40.04
N GLU C 63 -25.23 8.65 40.00
CA GLU C 63 -24.09 7.92 40.53
C GLU C 63 -24.31 7.57 41.98
N GLN C 64 -24.86 8.51 42.75
CA GLN C 64 -25.17 8.24 44.15
C GLN C 64 -26.13 7.08 44.27
N LEU C 65 -27.14 7.04 43.40
CA LEU C 65 -28.11 5.96 43.45
C LEU C 65 -27.45 4.63 43.16
N VAL C 66 -26.56 4.60 42.16
CA VAL C 66 -25.90 3.35 41.82
C VAL C 66 -25.07 2.86 42.99
N LEU C 67 -24.33 3.78 43.60
CA LEU C 67 -23.53 3.42 44.77
C LEU C 67 -24.40 2.90 45.89
N TYR C 68 -25.49 3.61 46.17
CA TYR C 68 -26.36 3.20 47.25
C TYR C 68 -26.97 1.84 46.95
N LEU C 69 -27.24 1.57 45.68
CA LEU C 69 -27.79 0.28 45.29
C LEU C 69 -26.79 -0.84 45.55
N LYS C 70 -25.52 -0.59 45.22
CA LYS C 70 -24.49 -1.58 45.55
C LYS C 70 -24.42 -1.79 47.05
N VAL C 71 -24.50 -0.70 47.81
CA VAL C 71 -24.53 -0.80 49.26
C VAL C 71 -25.70 -1.66 49.70
N ALA C 72 -26.85 -1.45 49.07
CA ALA C 72 -28.04 -2.21 49.44
C ALA C 72 -27.85 -3.68 49.13
N GLU C 73 -27.24 -4.00 48.01
CA GLU C 73 -26.99 -5.41 47.68
C GLU C 73 -26.09 -6.03 48.74
N LEU C 74 -25.05 -5.31 49.12
CA LEU C 74 -24.20 -5.79 50.20
C LEU C 74 -25.01 -6.01 51.47
N LEU C 75 -25.90 -5.06 51.78
CA LEU C 75 -26.70 -5.17 52.99
C LEU C 75 -27.62 -6.37 52.94
N SER C 76 -28.22 -6.62 51.78
CA SER C 76 -29.13 -7.76 51.65
C SER C 76 -28.36 -9.06 51.81
N SER C 77 -27.17 -9.14 51.23
CA SER C 77 -26.35 -10.33 51.42
C SER C 77 -26.01 -10.50 52.90
N GLY C 78 -25.66 -9.41 53.57
CA GLY C 78 -25.39 -9.48 54.98
C GLY C 78 -26.59 -9.93 55.78
N LEU C 79 -27.78 -9.51 55.36
CA LEU C 79 -28.98 -9.88 56.09
C LEU C 79 -29.30 -11.36 55.90
N GLN C 80 -29.10 -11.87 54.68
CA GLN C 80 -29.27 -13.31 54.46
C GLN C 80 -28.28 -14.09 55.30
N SER C 81 -27.01 -13.64 55.32
CA SER C 81 -26.02 -14.29 56.15
C SER C 81 -26.37 -14.15 57.62
N ALA C 82 -27.05 -13.08 57.99
CA ALA C 82 -27.48 -12.89 59.36
C ALA C 82 -28.55 -13.91 59.73
N ILE C 83 -29.52 -14.12 58.83
CA ILE C 83 -30.50 -15.17 59.06
C ILE C 83 -29.81 -16.52 59.18
N ASP C 84 -28.78 -16.75 58.36
CA ASP C 84 -28.04 -18.00 58.42
C ASP C 84 -27.37 -18.18 59.78
N GLN C 85 -26.60 -17.18 60.21
CA GLN C 85 -25.92 -17.26 61.49
C GLN C 85 -26.89 -17.32 62.64
N ILE C 86 -28.09 -16.77 62.46
CA ILE C 86 -29.14 -16.93 63.47
C ILE C 86 -29.60 -18.38 63.52
N ARG C 87 -29.72 -19.02 62.37
CA ARG C 87 -30.07 -20.43 62.35
C ARG C 87 -29.03 -21.27 63.09
N ALA C 88 -27.76 -20.96 62.91
CA ALA C 88 -26.71 -21.70 63.58
C ALA C 88 -25.52 -20.78 63.80
N GLY C 89 -24.91 -20.91 64.98
CA GLY C 89 -23.78 -20.07 65.32
C GLY C 89 -24.15 -18.72 65.89
N LYS C 90 -25.25 -18.65 66.64
CA LYS C 90 -25.64 -17.38 67.26
C LYS C 90 -24.62 -16.90 68.29
N LEU C 91 -23.76 -17.78 68.78
CA LEU C 91 -22.70 -17.43 69.73
C LEU C 91 -23.27 -16.74 70.97
N CYS C 92 -24.09 -17.49 71.71
CA CYS C 92 -24.73 -17.04 72.94
C CYS C 92 -25.64 -15.84 72.73
N LEU C 93 -26.14 -15.66 71.51
CA LEU C 93 -26.97 -14.50 71.15
C LEU C 93 -26.31 -13.21 71.64
N SER C 94 -25.07 -13.05 71.23
CA SER C 94 -24.21 -11.97 71.72
C SER C 94 -24.91 -10.62 71.61
N SER C 95 -25.02 -9.94 72.74
CA SER C 95 -25.62 -8.60 72.74
C SER C 95 -24.86 -7.68 71.81
N THR C 96 -23.54 -7.86 71.71
CA THR C 96 -22.78 -7.13 70.71
C THR C 96 -23.24 -7.50 69.31
N VAL C 97 -23.45 -8.79 69.06
CA VAL C 97 -23.97 -9.22 67.77
C VAL C 97 -25.36 -8.64 67.55
N LYS C 98 -26.17 -8.62 68.61
CA LYS C 98 -27.51 -8.05 68.48
C LYS C 98 -27.45 -6.58 68.09
N GLN C 99 -26.57 -5.82 68.74
CA GLN C 99 -26.45 -4.41 68.42
C GLN C 99 -25.90 -4.20 67.02
N VAL C 100 -24.93 -5.04 66.62
CA VAL C 100 -24.40 -4.95 65.26
C VAL C 100 -25.50 -5.22 64.26
N VAL C 101 -26.30 -6.25 64.51
CA VAL C 101 -27.40 -6.58 63.60
C VAL C 101 -28.41 -5.45 63.57
N ARG C 102 -28.71 -4.85 64.73
CA ARG C 102 -29.68 -3.76 64.77
C ARG C 102 -29.17 -2.55 63.99
N ARG C 103 -27.90 -2.22 64.17
CA ARG C 103 -27.32 -1.12 63.40
C ARG C 103 -27.35 -1.42 61.92
N LEU C 104 -27.04 -2.66 61.55
CA LEU C 104 -27.11 -3.05 60.16
C LEU C 104 -28.53 -2.91 59.62
N ASN C 105 -29.52 -3.30 60.43
CA ASN C 105 -30.90 -3.20 60.01
C ASN C 105 -31.30 -1.75 59.82
N GLU C 106 -30.89 -0.89 60.74
CA GLU C 106 -31.18 0.54 60.59
C GLU C 106 -30.54 1.07 59.33
N LEU C 107 -29.30 0.69 59.07
CA LEU C 107 -28.63 1.12 57.85
C LEU C 107 -29.37 0.60 56.62
N TYR C 108 -29.87 -0.63 56.69
CA TYR C 108 -30.57 -1.21 55.56
C TYR C 108 -31.86 -0.47 55.29
N LYS C 109 -32.60 -0.12 56.35
CA LYS C 109 -33.81 0.66 56.17
C LYS C 109 -33.49 2.02 55.59
N ALA C 110 -32.40 2.63 56.06
CA ALA C 110 -31.96 3.89 55.47
C ALA C 110 -31.64 3.71 54.00
N SER C 111 -30.98 2.62 53.66
CA SER C 111 -30.64 2.36 52.27
C SER C 111 -31.89 2.20 51.42
N VAL C 112 -32.88 1.48 51.94
CA VAL C 112 -34.12 1.28 51.19
C VAL C 112 -34.81 2.62 50.99
N VAL C 113 -34.90 3.43 52.03
CA VAL C 113 -35.54 4.72 51.92
C VAL C 113 -34.80 5.58 50.90
N SER C 114 -33.48 5.59 50.98
CA SER C 114 -32.68 6.39 50.06
C SER C 114 -32.87 5.92 48.63
N CYS C 115 -32.87 4.60 48.43
CA CYS C 115 -33.05 4.08 47.08
C CYS C 115 -34.42 4.46 46.53
N GLN C 116 -35.45 4.34 47.36
CA GLN C 116 -36.79 4.68 46.90
C GLN C 116 -36.87 6.15 46.53
N GLY C 117 -36.35 7.02 47.39
CA GLY C 117 -36.38 8.44 47.09
C GLY C 117 -35.59 8.79 45.85
N LEU C 118 -34.41 8.19 45.70
CA LEU C 118 -33.59 8.45 44.54
C LEU C 118 -34.30 7.99 43.27
N SER C 119 -34.92 6.82 43.31
CA SER C 119 -35.65 6.35 42.14
C SER C 119 -36.80 7.28 41.82
N LEU C 120 -37.52 7.74 42.84
CA LEU C 120 -38.61 8.66 42.60
C LEU C 120 -38.10 9.96 41.96
N ARG C 121 -36.98 10.47 42.46
CA ARG C 121 -36.41 11.69 41.90
C ARG C 121 -35.98 11.47 40.45
N LEU C 122 -35.36 10.33 40.17
CA LEU C 122 -34.82 10.07 38.85
C LEU C 122 -35.87 9.62 37.85
N GLN C 123 -37.10 9.34 38.31
CA GLN C 123 -38.18 8.92 37.44
C GLN C 123 -38.22 9.72 36.14
N ARG C 124 -38.48 11.03 36.24
CA ARG C 124 -38.47 11.86 35.04
C ARG C 124 -37.09 11.87 34.41
N PHE C 125 -36.05 11.93 35.23
CA PHE C 125 -34.69 11.95 34.71
C PHE C 125 -34.37 10.67 33.96
N PHE C 126 -34.59 9.51 34.60
CA PHE C 126 -34.38 8.25 33.91
C PHE C 126 -35.28 8.16 32.68
N LEU C 127 -36.46 8.78 32.74
CA LEU C 127 -37.35 8.80 31.59
C LEU C 127 -36.72 9.54 30.42
N ASP C 128 -36.42 10.82 30.62
CA ASP C 128 -35.93 11.65 29.51
C ASP C 128 -34.60 11.14 28.98
N LYS C 129 -33.68 10.77 29.87
CA LYS C 129 -32.34 10.35 29.48
C LYS C 129 -32.27 8.87 29.13
N GLN C 130 -33.39 8.26 28.76
CA GLN C 130 -33.41 6.83 28.49
C GLN C 130 -32.47 6.47 27.35
N ARG C 131 -32.52 7.23 26.26
CA ARG C 131 -31.76 6.87 25.06
C ARG C 131 -30.26 6.82 25.36
N LEU C 132 -29.74 7.89 25.94
CA LEU C 132 -28.31 7.93 26.26
C LEU C 132 -27.96 6.85 27.26
N LEU C 133 -28.80 6.67 28.28
CA LEU C 133 -28.57 5.60 29.25
C LEU C 133 -28.39 4.27 28.55
N ASP C 134 -29.27 3.98 27.58
CA ASP C 134 -29.09 2.79 26.77
C ASP C 134 -27.75 2.83 26.04
N ARG C 135 -27.40 3.99 25.47
CA ARG C 135 -26.11 4.11 24.83
C ARG C 135 -24.98 4.00 25.85
N ILE C 136 -25.16 4.56 27.04
CA ILE C 136 -24.07 4.68 28.00
C ILE C 136 -23.74 3.31 28.58
N HIS C 137 -22.45 3.00 28.63
CA HIS C 137 -21.98 1.86 29.40
C HIS C 137 -22.04 2.23 30.88
N SER C 138 -22.54 1.30 31.70
CA SER C 138 -22.79 1.61 33.09
C SER C 138 -21.50 1.90 33.84
N ILE C 139 -21.58 2.80 34.82
CA ILE C 139 -20.46 3.13 35.68
C ILE C 139 -20.43 2.13 36.83
N THR C 140 -19.46 1.23 36.82
CA THR C 140 -19.40 0.18 37.82
C THR C 140 -19.22 0.77 39.21
N ALA C 141 -20.01 0.29 40.16
CA ALA C 141 -19.92 0.80 41.52
C ALA C 141 -18.55 0.53 42.12
N GLU C 142 -18.02 -0.68 41.91
CA GLU C 142 -16.69 -0.99 42.42
C GLU C 142 -15.67 0.00 41.88
N ARG C 143 -15.85 0.45 40.64
CA ARG C 143 -14.97 1.47 40.09
C ARG C 143 -15.04 2.74 40.91
N LEU C 144 -16.25 3.16 41.27
CA LEU C 144 -16.40 4.37 42.07
C LEU C 144 -15.74 4.21 43.43
N ILE C 145 -15.91 3.06 44.06
CA ILE C 145 -15.30 2.82 45.36
C ILE C 145 -13.78 2.91 45.25
N PHE C 146 -13.22 2.26 44.22
CA PHE C 146 -11.78 2.32 44.04
C PHE C 146 -11.32 3.74 43.78
N SER C 147 -12.09 4.51 43.02
CA SER C 147 -11.69 5.89 42.72
C SER C 147 -11.68 6.74 43.98
N HIS C 148 -12.71 6.60 44.82
CA HIS C 148 -12.71 7.35 46.07
C HIS C 148 -11.52 6.95 46.94
N ALA C 149 -11.24 5.65 47.02
CA ALA C 149 -10.11 5.20 47.81
C ALA C 149 -8.80 5.79 47.29
N VAL C 150 -8.63 5.79 45.96
CA VAL C 150 -7.38 6.26 45.38
C VAL C 150 -7.22 7.76 45.59
N GLN C 151 -8.29 8.53 45.38
CA GLN C 151 -8.19 9.98 45.59
C GLN C 151 -7.90 10.28 47.05
N MET C 152 -8.54 9.54 47.97
CA MET C 152 -8.24 9.74 49.38
C MET C 152 -6.78 9.47 49.67
N VAL C 153 -6.25 8.37 49.14
CA VAL C 153 -4.84 8.04 49.39
C VAL C 153 -3.93 9.13 48.83
N GLN C 154 -4.24 9.60 47.62
CA GLN C 154 -3.40 10.63 47.03
C GLN C 154 -3.42 11.91 47.87
N SER C 155 -4.59 12.33 48.32
CA SER C 155 -4.65 13.53 49.14
C SER C 155 -3.91 13.34 50.45
N ALA C 156 -4.02 12.16 51.05
CA ALA C 156 -3.30 11.89 52.29
C ALA C 156 -1.80 11.97 52.07
N ALA C 157 -1.32 11.43 50.95
CA ALA C 157 0.10 11.51 50.67
C ALA C 157 0.54 12.95 50.45
N LEU C 158 -0.28 13.73 49.74
CA LEU C 158 0.06 15.13 49.52
C LEU C 158 0.14 15.88 50.84
N ASP C 159 -0.76 15.58 51.76
CA ASP C 159 -0.69 16.20 53.09
C ASP C 159 0.53 15.73 53.86
N GLU C 160 0.89 14.45 53.71
CA GLU C 160 2.11 13.95 54.36
C GLU C 160 3.31 14.76 53.89
N MET C 161 3.44 14.93 52.59
CA MET C 161 4.40 15.88 52.06
C MET C 161 3.87 17.30 52.26
N PHE C 162 4.65 18.28 51.80
CA PHE C 162 4.26 19.68 51.82
C PHE C 162 3.84 20.15 53.20
N GLN C 163 4.21 19.41 54.24
CA GLN C 163 4.12 19.86 55.64
C GLN C 163 2.69 20.17 56.07
N HIS C 164 1.77 19.22 55.86
CA HIS C 164 0.54 19.25 56.64
C HIS C 164 0.71 18.45 57.92
N ARG C 165 1.26 17.24 57.82
CA ARG C 165 1.75 16.47 58.95
C ARG C 165 0.69 16.29 60.04
N GLU C 166 -0.52 15.92 59.63
CA GLU C 166 -1.57 15.65 60.59
C GLU C 166 -2.64 14.79 59.94
N GLY C 167 -3.38 14.07 60.76
CA GLY C 167 -4.51 13.26 60.32
C GLY C 167 -4.15 12.18 59.32
N CYS C 168 -2.86 12.07 58.99
CA CYS C 168 -2.43 11.10 58.00
C CYS C 168 -2.72 9.67 58.45
N VAL C 169 -2.44 9.37 59.71
CA VAL C 169 -2.75 8.04 60.23
C VAL C 169 -4.24 7.74 60.15
N PRO C 170 -5.14 8.66 60.51
CA PRO C 170 -6.57 8.33 60.40
C PRO C 170 -7.01 8.06 58.97
N ARG C 171 -6.73 8.99 58.06
CA ARG C 171 -7.12 8.79 56.67
C ARG C 171 -6.49 7.53 56.11
N TYR C 172 -5.25 7.24 56.50
CA TYR C 172 -4.57 6.05 56.02
C TYR C 172 -5.27 4.79 56.49
N HIS C 173 -5.61 4.73 57.78
CA HIS C 173 -6.31 3.55 58.29
C HIS C 173 -7.67 3.40 57.61
N LYS C 174 -8.37 4.52 57.43
CA LYS C 174 -9.69 4.46 56.78
C LYS C 174 -9.57 3.94 55.37
N ALA C 175 -8.62 4.46 54.60
CA ALA C 175 -8.46 3.99 53.24
C ALA C 175 -8.00 2.54 53.19
N LEU C 176 -7.21 2.11 54.17
CA LEU C 176 -6.82 0.71 54.21
C LEU C 176 -8.04 -0.18 54.39
N LEU C 177 -8.93 0.21 55.31
CA LEU C 177 -10.16 -0.55 55.49
C LEU C 177 -10.99 -0.56 54.23
N LEU C 178 -11.10 0.59 53.57
CA LEU C 178 -11.88 0.68 52.34
C LEU C 178 -11.30 -0.23 51.26
N LEU C 179 -9.98 -0.24 51.13
CA LEU C 179 -9.34 -1.10 50.13
C LEU C 179 -9.57 -2.57 50.44
N GLU C 180 -9.47 -2.95 51.72
CA GLU C 180 -9.73 -4.34 52.07
C GLU C 180 -11.16 -4.72 51.73
N GLY C 181 -12.11 -3.82 52.01
CA GLY C 181 -13.49 -4.10 51.63
C GLY C 181 -13.66 -4.26 50.13
N LEU C 182 -13.03 -3.38 49.36
CA LEU C 182 -13.13 -3.48 47.90
C LEU C 182 -12.56 -4.80 47.42
N GLN C 183 -11.43 -5.22 47.99
CA GLN C 183 -10.85 -6.50 47.63
C GLN C 183 -11.81 -7.65 47.96
N HIS C 184 -12.44 -7.58 49.13
CA HIS C 184 -13.41 -8.62 49.49
C HIS C 184 -14.55 -8.66 48.49
N MET C 185 -15.01 -7.50 48.05
CA MET C 185 -16.09 -7.41 47.07
C MET C 185 -15.58 -7.37 45.64
N LEU C 186 -14.27 -7.54 45.43
CA LEU C 186 -13.70 -7.42 44.09
C LEU C 186 -14.24 -8.50 43.16
N SER C 187 -13.86 -9.75 43.40
CA SER C 187 -14.29 -10.90 42.60
C SER C 187 -13.94 -10.74 41.12
N ASP C 188 -12.74 -10.23 40.85
CA ASP C 188 -12.22 -10.18 39.48
C ASP C 188 -10.71 -10.08 39.56
N GLN C 189 -10.01 -11.16 39.18
CA GLN C 189 -8.57 -11.25 39.42
C GLN C 189 -7.80 -10.18 38.67
N ALA C 190 -8.24 -9.82 37.47
CA ALA C 190 -7.50 -8.90 36.61
C ALA C 190 -7.17 -7.61 37.36
N ASP C 191 -8.18 -6.92 37.87
CA ASP C 191 -7.95 -5.76 38.70
C ASP C 191 -7.65 -6.13 40.15
N ILE C 192 -7.90 -7.39 40.55
CA ILE C 192 -7.54 -7.80 41.90
C ILE C 192 -6.04 -7.76 42.08
N GLU C 193 -5.29 -7.95 41.01
CA GLU C 193 -3.84 -7.78 41.09
C GLU C 193 -3.49 -6.35 41.51
N ASN C 194 -4.09 -5.36 40.85
CA ASN C 194 -3.84 -3.97 41.20
C ASN C 194 -4.33 -3.68 42.62
N VAL C 195 -5.46 -4.27 42.99
CA VAL C 195 -5.99 -4.06 44.34
C VAL C 195 -5.02 -4.60 45.39
N THR C 196 -4.48 -5.80 45.15
CA THR C 196 -3.52 -6.36 46.08
C THR C 196 -2.25 -5.52 46.13
N LYS C 197 -1.84 -4.97 44.98
CA LYS C 197 -0.69 -4.08 44.97
C LYS C 197 -0.94 -2.86 45.84
N CYS C 198 -2.11 -2.24 45.70
CA CYS C 198 -2.42 -1.08 46.52
C CYS C 198 -2.49 -1.44 47.99
N LYS C 199 -3.09 -2.59 48.31
CA LYS C 199 -3.18 -3.01 49.71
C LYS C 199 -1.81 -3.24 50.31
N LEU C 200 -0.92 -3.90 49.56
CA LEU C 200 0.44 -4.11 50.04
C LEU C 200 1.15 -2.78 50.22
N CYS C 201 0.94 -1.84 49.30
CA CYS C 201 1.55 -0.53 49.43
C CYS C 201 1.06 0.16 50.70
N ILE C 202 -0.23 0.09 50.97
CA ILE C 202 -0.77 0.71 52.18
C ILE C 202 -0.18 0.07 53.42
N GLU C 203 -0.10 -1.26 53.42
CA GLU C 203 0.47 -1.96 54.57
C GLU C 203 1.93 -1.55 54.78
N ARG C 204 2.70 -1.46 53.70
CA ARG C 204 4.10 -1.05 53.83
C ARG C 204 4.21 0.37 54.36
N ARG C 205 3.38 1.27 53.84
CA ARG C 205 3.40 2.64 54.35
C ARG C 205 2.96 2.70 55.80
N LEU C 206 2.17 1.72 56.24
CA LEU C 206 1.76 1.66 57.64
C LEU C 206 2.95 1.46 58.57
N SER C 207 4.09 1.01 58.05
CA SER C 207 5.28 0.88 58.88
C SER C 207 5.76 2.23 59.41
N ALA C 208 5.31 3.34 58.80
CA ALA C 208 5.68 4.66 59.29
C ALA C 208 5.20 4.86 60.72
N LEU C 209 4.12 4.20 61.11
CA LEU C 209 3.65 4.26 62.48
C LEU C 209 4.31 3.17 63.31
N HIS D 5 38.29 -26.49 -67.80
CA HIS D 5 39.09 -25.67 -68.71
C HIS D 5 38.26 -24.51 -69.26
N THR D 6 36.95 -24.70 -69.33
CA THR D 6 36.03 -23.70 -69.87
C THR D 6 34.96 -23.27 -68.87
N GLU D 7 35.22 -23.39 -67.57
CA GLU D 7 34.20 -23.10 -66.57
C GLU D 7 33.86 -21.61 -66.53
N ILE D 8 34.86 -20.74 -66.56
CA ILE D 8 34.68 -19.31 -66.36
C ILE D 8 33.72 -18.76 -67.40
N LEU D 9 33.60 -19.46 -68.52
CA LEU D 9 32.63 -19.10 -69.55
C LEU D 9 31.38 -19.96 -69.50
N ARG D 10 31.50 -21.24 -69.18
CA ARG D 10 30.34 -22.13 -69.24
C ARG D 10 29.35 -21.85 -68.12
N GLY D 11 29.85 -21.52 -66.93
CA GLY D 11 28.95 -21.17 -65.84
C GLY D 11 28.16 -19.91 -66.16
N LEU D 12 28.85 -18.88 -66.65
CA LEU D 12 28.15 -17.69 -67.10
C LEU D 12 27.22 -17.99 -68.26
N ARG D 13 27.56 -18.98 -69.10
CA ARG D 13 26.70 -19.33 -70.21
C ARG D 13 25.41 -19.97 -69.72
N PHE D 14 25.49 -20.85 -68.74
CA PHE D 14 24.29 -21.43 -68.15
C PHE D 14 23.46 -20.35 -67.45
N THR D 15 24.13 -19.44 -66.74
CA THR D 15 23.42 -18.33 -66.12
C THR D 15 22.74 -17.46 -67.17
N LEU D 16 23.37 -17.29 -68.33
CA LEU D 16 22.78 -16.48 -69.38
C LEU D 16 21.63 -17.19 -70.08
N LEU D 17 21.71 -18.51 -70.19
CA LEU D 17 20.55 -19.27 -70.68
C LEU D 17 19.39 -19.14 -69.72
N PHE D 18 19.67 -19.20 -68.41
CA PHE D 18 18.63 -18.93 -67.42
C PHE D 18 18.09 -17.52 -67.57
N VAL D 19 18.97 -16.57 -67.88
CA VAL D 19 18.53 -15.20 -68.09
C VAL D 19 17.62 -15.09 -69.31
N GLN D 20 17.94 -15.81 -70.38
CA GLN D 20 17.10 -15.81 -71.56
C GLN D 20 15.74 -16.41 -71.25
N HIS D 21 15.73 -17.50 -70.48
CA HIS D 21 14.45 -18.08 -70.05
C HIS D 21 13.68 -17.09 -69.18
N VAL D 22 14.39 -16.33 -68.34
CA VAL D 22 13.73 -15.33 -67.52
C VAL D 22 13.16 -14.21 -68.39
N LEU D 23 13.86 -13.87 -69.47
CA LEU D 23 13.34 -12.90 -70.42
C LEU D 23 12.07 -13.43 -71.08
N GLU D 24 12.05 -14.71 -71.40
CA GLU D 24 10.82 -15.32 -71.92
C GLU D 24 9.72 -15.27 -70.87
N ILE D 25 10.07 -15.48 -69.61
CA ILE D 25 9.10 -15.38 -68.52
C ILE D 25 8.55 -13.96 -68.46
N ALA D 26 9.42 -12.98 -68.63
CA ALA D 26 8.97 -11.59 -68.65
C ALA D 26 8.04 -11.34 -69.82
N ALA D 27 8.36 -11.91 -70.98
CA ALA D 27 7.49 -11.78 -72.15
C ALA D 27 6.12 -12.38 -71.85
N LEU D 28 6.09 -13.55 -71.22
CA LEU D 28 4.84 -14.13 -70.79
C LEU D 28 4.12 -13.21 -69.80
N LYS D 29 4.89 -12.54 -68.95
CA LYS D 29 4.31 -11.52 -68.08
C LYS D 29 3.77 -10.34 -68.86
N GLY D 30 4.21 -10.17 -70.10
CA GLY D 30 3.72 -9.09 -70.93
C GLY D 30 2.33 -9.32 -71.50
N SER D 31 1.95 -10.57 -71.75
CA SER D 31 0.63 -10.88 -72.29
C SER D 31 0.24 -12.28 -71.86
N ALA D 32 -1.07 -12.47 -71.70
CA ALA D 32 -1.60 -13.73 -71.19
C ALA D 32 -1.59 -14.79 -72.30
N SER D 33 -1.97 -16.01 -71.93
CA SER D 33 -2.01 -17.12 -72.87
C SER D 33 -3.01 -18.15 -72.37
N GLU D 34 -3.43 -19.05 -73.26
CA GLU D 34 -4.40 -20.07 -72.95
C GLU D 34 -3.93 -21.42 -73.49
N ALA D 35 -4.19 -22.48 -72.72
CA ALA D 35 -3.80 -23.83 -73.09
C ALA D 35 -4.63 -24.80 -72.24
N ALA D 36 -4.23 -26.07 -72.24
CA ALA D 36 -4.92 -27.13 -71.51
C ALA D 36 -6.40 -27.15 -71.86
N GLY D 37 -6.67 -27.35 -73.14
CA GLY D 37 -8.00 -27.26 -73.70
C GLY D 37 -8.28 -25.98 -74.44
N GLY D 38 -7.36 -25.01 -74.40
CA GLY D 38 -7.55 -23.76 -75.10
C GLY D 38 -8.61 -22.90 -74.43
N PRO D 39 -9.22 -22.00 -75.19
CA PRO D 39 -10.29 -21.16 -74.64
C PRO D 39 -11.47 -22.01 -74.19
N GLU D 40 -12.13 -21.56 -73.12
CA GLU D 40 -13.24 -22.27 -72.52
C GLU D 40 -14.55 -21.55 -72.82
N TYR D 41 -15.64 -22.12 -72.29
CA TYR D 41 -16.94 -21.47 -72.39
C TYR D 41 -16.88 -20.09 -71.76
N GLN D 42 -17.42 -19.11 -72.48
CA GLN D 42 -17.28 -17.70 -72.10
C GLN D 42 -15.82 -17.33 -71.96
N LEU D 43 -15.05 -17.59 -73.02
CA LEU D 43 -13.64 -17.24 -73.02
C LEU D 43 -13.42 -15.73 -72.90
N GLN D 44 -14.50 -14.95 -73.02
CA GLN D 44 -14.40 -13.52 -72.74
C GLN D 44 -13.94 -13.27 -71.31
N GLU D 45 -14.15 -14.25 -70.42
CA GLU D 45 -13.52 -14.19 -69.11
C GLU D 45 -12.02 -14.03 -69.23
N SER D 46 -11.40 -14.85 -70.10
CA SER D 46 -10.01 -14.63 -70.44
C SER D 46 -9.81 -13.26 -71.09
N VAL D 47 -10.75 -12.86 -71.94
CA VAL D 47 -10.70 -11.51 -72.50
C VAL D 47 -10.92 -10.47 -71.41
N VAL D 48 -11.76 -10.80 -70.43
CA VAL D 48 -11.93 -9.91 -69.28
C VAL D 48 -10.64 -9.79 -68.51
N ALA D 49 -9.95 -10.92 -68.30
CA ALA D 49 -8.66 -10.88 -67.64
C ALA D 49 -7.66 -10.07 -68.44
N ASP D 50 -7.74 -10.15 -69.76
CA ASP D 50 -6.88 -9.35 -70.62
C ASP D 50 -7.16 -7.87 -70.46
N GLN D 51 -8.43 -7.50 -70.39
CA GLN D 51 -8.79 -6.10 -70.16
C GLN D 51 -8.26 -5.62 -68.82
N ILE D 52 -8.39 -6.45 -67.79
CA ILE D 52 -7.89 -6.08 -66.47
C ILE D 52 -6.38 -5.91 -66.50
N SER D 53 -5.68 -6.86 -67.13
CA SER D 53 -4.23 -6.77 -67.22
C SER D 53 -3.80 -5.53 -67.97
N LEU D 54 -4.50 -5.21 -69.07
CA LEU D 54 -4.23 -3.97 -69.78
C LEU D 54 -4.40 -2.78 -68.86
N LEU D 55 -5.45 -2.80 -68.05
CA LEU D 55 -5.61 -1.74 -67.05
C LEU D 55 -4.47 -1.76 -66.04
N SER D 56 -3.83 -2.90 -65.84
CA SER D 56 -2.80 -3.06 -64.82
C SER D 56 -1.45 -3.47 -65.40
N ARG D 57 -1.25 -3.28 -66.71
CA ARG D 57 -0.02 -3.73 -67.35
C ARG D 57 1.22 -3.07 -66.77
N GLU D 58 1.06 -1.93 -66.10
CA GLU D 58 2.21 -1.23 -65.54
C GLU D 58 2.94 -2.10 -64.53
N TRP D 59 2.20 -2.72 -63.60
CA TRP D 59 2.84 -3.52 -62.57
C TRP D 59 3.54 -4.74 -63.16
N GLY D 60 2.90 -5.39 -64.14
CA GLY D 60 3.53 -6.54 -64.76
C GLY D 60 4.81 -6.17 -65.50
N PHE D 61 4.74 -5.10 -66.29
CA PHE D 61 5.94 -4.66 -67.01
C PHE D 61 7.02 -4.22 -66.03
N ALA D 62 6.62 -3.64 -64.90
CA ALA D 62 7.58 -3.24 -63.88
C ALA D 62 8.26 -4.46 -63.27
N GLU D 63 7.49 -5.51 -62.98
CA GLU D 63 8.09 -6.73 -62.46
C GLU D 63 9.05 -7.32 -63.49
N GLN D 64 8.64 -7.30 -64.77
CA GLN D 64 9.51 -7.80 -65.82
C GLN D 64 10.81 -7.00 -65.88
N LEU D 65 10.73 -5.68 -65.80
CA LEU D 65 11.94 -4.87 -65.86
C LEU D 65 12.80 -5.03 -64.62
N VAL D 66 12.18 -5.25 -63.45
CA VAL D 66 12.94 -5.53 -62.24
C VAL D 66 13.71 -6.83 -62.40
N LEU D 67 13.08 -7.84 -62.98
CA LEU D 67 13.79 -9.08 -63.29
C LEU D 67 14.90 -8.82 -64.29
N TYR D 68 14.65 -7.95 -65.28
CA TYR D 68 15.67 -7.62 -66.26
C TYR D 68 16.88 -7.00 -65.59
N LEU D 69 16.65 -6.11 -64.63
CA LEU D 69 17.76 -5.51 -63.88
C LEU D 69 18.47 -6.53 -63.02
N LYS D 70 17.71 -7.44 -62.39
CA LYS D 70 18.34 -8.46 -61.57
C LYS D 70 19.27 -9.34 -62.40
N VAL D 71 18.84 -9.68 -63.61
CA VAL D 71 19.70 -10.45 -64.51
C VAL D 71 20.85 -9.58 -65.01
N ALA D 72 20.58 -8.32 -65.31
CA ALA D 72 21.61 -7.42 -65.78
C ALA D 72 22.71 -7.22 -64.74
N GLU D 73 22.40 -7.46 -63.46
CA GLU D 73 23.45 -7.50 -62.45
C GLU D 73 24.56 -8.46 -62.86
N LEU D 74 24.22 -9.74 -63.02
CA LEU D 74 25.20 -10.73 -63.44
C LEU D 74 25.70 -10.47 -64.85
N LEU D 75 24.86 -9.89 -65.71
CA LEU D 75 25.29 -9.55 -67.05
C LEU D 75 26.46 -8.57 -67.02
N SER D 76 26.32 -7.50 -66.24
CA SER D 76 27.41 -6.54 -66.08
C SER D 76 28.58 -7.16 -65.33
N SER D 77 28.30 -8.08 -64.40
CA SER D 77 29.39 -8.78 -63.72
C SER D 77 30.27 -9.50 -64.73
N GLY D 78 29.66 -10.20 -65.67
CA GLY D 78 30.42 -10.83 -66.72
C GLY D 78 31.08 -9.84 -67.66
N LEU D 79 30.36 -8.75 -67.99
CA LEU D 79 30.84 -7.80 -68.99
C LEU D 79 32.08 -7.06 -68.52
N GLN D 80 32.06 -6.55 -67.30
CA GLN D 80 33.18 -5.78 -66.78
C GLN D 80 34.39 -6.69 -66.61
N SER D 81 35.43 -6.43 -67.42
CA SER D 81 36.63 -7.26 -67.45
C SER D 81 36.27 -8.73 -67.72
N ALA D 82 35.82 -8.98 -68.94
CA ALA D 82 35.29 -10.28 -69.36
C ALA D 82 36.37 -11.28 -69.79
N ILE D 83 37.63 -11.06 -69.42
CA ILE D 83 38.71 -11.93 -69.87
C ILE D 83 38.95 -13.06 -68.87
N ASP D 84 37.99 -13.27 -67.97
CA ASP D 84 38.11 -14.37 -67.01
C ASP D 84 38.08 -15.72 -67.71
N GLN D 85 37.26 -15.85 -68.75
CA GLN D 85 37.23 -17.09 -69.51
C GLN D 85 38.57 -17.36 -70.18
N ILE D 86 39.18 -16.33 -70.77
CA ILE D 86 40.48 -16.49 -71.40
C ILE D 86 41.53 -16.85 -70.35
N ARG D 87 41.50 -16.16 -69.20
CA ARG D 87 42.43 -16.47 -68.12
C ARG D 87 42.26 -17.90 -67.64
N ALA D 88 41.04 -18.42 -67.66
CA ALA D 88 40.80 -19.83 -67.35
C ALA D 88 41.02 -20.72 -68.57
N GLY D 89 41.37 -20.15 -69.72
CA GLY D 89 41.54 -20.92 -70.93
C GLY D 89 40.24 -21.25 -71.65
N LYS D 90 39.11 -20.77 -71.15
CA LYS D 90 37.84 -21.02 -71.84
C LYS D 90 37.85 -20.40 -73.22
N LEU D 91 38.35 -19.17 -73.34
CA LEU D 91 38.44 -18.50 -74.63
C LEU D 91 39.65 -18.95 -75.44
N CYS D 92 40.56 -19.73 -74.86
CA CYS D 92 41.72 -20.22 -75.59
C CYS D 92 41.29 -21.04 -76.79
N LEU D 93 41.58 -20.54 -78.00
CA LEU D 93 41.14 -21.14 -79.25
C LEU D 93 39.62 -21.27 -79.31
N SER D 94 38.91 -20.34 -78.69
CA SER D 94 37.46 -20.37 -78.60
C SER D 94 36.88 -19.00 -78.92
N SER D 95 37.28 -18.43 -80.06
CA SER D 95 36.69 -17.16 -80.49
C SER D 95 35.18 -17.27 -80.67
N THR D 96 34.68 -18.47 -80.98
CA THR D 96 33.23 -18.67 -81.05
C THR D 96 32.58 -18.49 -79.69
N VAL D 97 33.24 -18.96 -78.63
CA VAL D 97 32.74 -18.70 -77.28
C VAL D 97 32.72 -17.21 -76.98
N LYS D 98 33.73 -16.48 -77.47
CA LYS D 98 33.73 -15.03 -77.33
C LYS D 98 32.57 -14.40 -78.10
N GLN D 99 32.26 -14.93 -79.28
CA GLN D 99 31.10 -14.44 -80.03
C GLN D 99 29.81 -14.71 -79.27
N VAL D 100 29.72 -15.87 -78.62
CA VAL D 100 28.56 -16.16 -77.78
C VAL D 100 28.49 -15.18 -76.62
N VAL D 101 29.64 -14.81 -76.06
CA VAL D 101 29.68 -13.81 -75.01
C VAL D 101 29.20 -12.47 -75.55
N ARG D 102 29.54 -12.15 -76.79
CA ARG D 102 29.05 -10.94 -77.41
C ARG D 102 27.54 -10.99 -77.61
N ARG D 103 27.02 -12.16 -77.93
CA ARG D 103 25.57 -12.33 -77.98
C ARG D 103 24.96 -12.10 -76.61
N LEU D 104 25.60 -12.62 -75.57
CA LEU D 104 25.15 -12.34 -74.20
C LEU D 104 25.24 -10.85 -73.89
N ASN D 105 26.19 -10.17 -74.48
CA ASN D 105 26.32 -8.73 -74.28
C ASN D 105 25.20 -7.98 -74.97
N GLU D 106 24.83 -8.40 -76.17
CA GLU D 106 23.65 -7.85 -76.82
C GLU D 106 22.40 -8.16 -76.00
N LEU D 107 22.37 -9.32 -75.35
CA LEU D 107 21.29 -9.62 -74.42
C LEU D 107 21.29 -8.65 -73.26
N TYR D 108 22.46 -8.31 -72.75
CA TYR D 108 22.55 -7.30 -71.71
C TYR D 108 22.10 -5.94 -72.23
N LYS D 109 22.34 -5.65 -73.50
CA LYS D 109 21.82 -4.44 -74.12
C LYS D 109 20.31 -4.45 -74.15
N ALA D 110 19.73 -5.61 -74.47
CA ALA D 110 18.28 -5.76 -74.38
C ALA D 110 17.81 -5.55 -72.94
N SER D 111 18.60 -6.04 -71.98
CA SER D 111 18.28 -5.78 -70.58
C SER D 111 18.34 -4.29 -70.29
N VAL D 112 19.22 -3.57 -70.97
CA VAL D 112 19.29 -2.12 -70.82
C VAL D 112 18.03 -1.47 -71.39
N VAL D 113 17.54 -2.00 -72.51
CA VAL D 113 16.28 -1.49 -73.06
C VAL D 113 15.14 -1.75 -72.08
N SER D 114 15.11 -2.95 -71.50
CA SER D 114 14.12 -3.26 -70.47
C SER D 114 14.32 -2.37 -69.25
N CYS D 115 15.56 -1.96 -68.98
CA CYS D 115 15.83 -1.05 -67.89
C CYS D 115 15.34 0.36 -68.23
N GLN D 116 15.34 0.72 -69.51
CA GLN D 116 14.69 1.97 -69.91
C GLN D 116 13.19 1.88 -69.68
N GLY D 117 12.61 0.72 -70.01
CA GLY D 117 11.23 0.48 -69.62
C GLY D 117 11.04 0.59 -68.12
N LEU D 118 12.02 0.10 -67.35
CA LEU D 118 12.00 0.22 -65.91
C LEU D 118 12.07 1.69 -65.46
N SER D 119 12.85 2.50 -66.15
CA SER D 119 12.94 3.92 -65.82
C SER D 119 11.62 4.62 -66.06
N LEU D 120 10.97 4.30 -67.19
CA LEU D 120 9.63 4.84 -67.43
C LEU D 120 8.65 4.38 -66.35
N ARG D 121 8.74 3.10 -65.98
CA ARG D 121 7.87 2.57 -64.93
C ARG D 121 8.10 3.25 -63.59
N LEU D 122 9.37 3.53 -63.27
CA LEU D 122 9.68 4.17 -61.99
C LEU D 122 9.24 5.63 -62.00
N GLN D 123 9.34 6.30 -63.15
CA GLN D 123 8.78 7.64 -63.25
C GLN D 123 7.28 7.61 -63.03
N ARG D 124 6.59 6.66 -63.66
CA ARG D 124 5.15 6.52 -63.43
C ARG D 124 4.86 6.13 -62.00
N PHE D 125 5.78 5.43 -61.33
CA PHE D 125 5.59 5.03 -59.94
C PHE D 125 5.71 6.23 -59.01
N PHE D 126 6.73 7.06 -59.23
CA PHE D 126 6.83 8.32 -58.48
C PHE D 126 5.62 9.20 -58.76
N LEU D 127 5.08 9.14 -59.98
CA LEU D 127 3.87 9.90 -60.28
C LEU D 127 2.66 9.36 -59.51
N ASP D 128 2.43 8.05 -59.58
CA ASP D 128 1.33 7.40 -58.88
C ASP D 128 1.88 6.14 -58.24
N LYS D 129 1.58 5.94 -56.95
CA LYS D 129 2.17 4.91 -56.10
C LYS D 129 3.61 5.23 -55.70
N GLN D 130 3.94 6.52 -55.56
CA GLN D 130 5.26 6.91 -55.09
C GLN D 130 5.52 6.37 -53.69
N ARG D 131 4.69 6.79 -52.73
CA ARG D 131 4.84 6.29 -51.37
C ARG D 131 4.58 4.79 -51.30
N LEU D 132 3.76 4.26 -52.21
CA LEU D 132 3.58 2.82 -52.27
C LEU D 132 4.88 2.13 -52.64
N LEU D 133 5.51 2.56 -53.71
CA LEU D 133 6.81 2.01 -54.08
C LEU D 133 7.83 2.23 -52.97
N ASP D 134 7.66 3.31 -52.21
CA ASP D 134 8.54 3.54 -51.07
C ASP D 134 8.37 2.46 -50.02
N ARG D 135 7.13 2.20 -49.61
CA ARG D 135 6.83 1.15 -48.65
C ARG D 135 6.52 -0.17 -49.34
N ILE D 136 7.04 -0.37 -50.55
CA ILE D 136 6.68 -1.56 -51.32
C ILE D 136 7.10 -2.82 -50.59
N HIS D 137 8.36 -2.90 -50.18
CA HIS D 137 8.93 -4.11 -49.59
C HIS D 137 8.60 -5.34 -50.43
N SER D 138 8.57 -5.15 -51.75
CA SER D 138 8.04 -6.15 -52.65
C SER D 138 8.97 -7.34 -52.76
N ILE D 139 8.45 -8.42 -53.34
CA ILE D 139 9.22 -9.63 -53.57
C ILE D 139 10.27 -9.36 -54.63
N THR D 140 11.48 -9.85 -54.38
CA THR D 140 12.54 -9.75 -55.38
C THR D 140 12.16 -10.55 -56.62
N ALA D 141 12.85 -10.27 -57.72
CA ALA D 141 12.55 -10.92 -58.98
C ALA D 141 12.64 -12.44 -58.88
N GLU D 142 13.50 -12.95 -58.01
CA GLU D 142 13.64 -14.39 -57.88
C GLU D 142 12.35 -15.04 -57.41
N ARG D 143 11.68 -14.44 -56.44
CA ARG D 143 10.41 -14.99 -55.97
C ARG D 143 9.38 -15.01 -57.10
N LEU D 144 9.32 -13.95 -57.89
CA LEU D 144 8.38 -13.91 -59.01
C LEU D 144 8.71 -14.99 -60.04
N ILE D 145 9.99 -15.18 -60.33
CA ILE D 145 10.39 -16.22 -61.29
C ILE D 145 10.00 -17.59 -60.76
N PHE D 146 10.23 -17.83 -59.47
CA PHE D 146 9.84 -19.11 -58.87
C PHE D 146 8.32 -19.30 -58.94
N SER D 147 7.56 -18.24 -58.70
CA SER D 147 6.11 -18.32 -58.79
C SER D 147 5.66 -18.66 -60.21
N HIS D 148 6.29 -18.03 -61.20
CA HIS D 148 5.97 -18.34 -62.58
C HIS D 148 6.30 -19.79 -62.91
N ALA D 149 7.43 -20.28 -62.42
CA ALA D 149 7.78 -21.68 -62.63
C ALA D 149 6.75 -22.61 -61.98
N VAL D 150 6.31 -22.25 -60.77
CA VAL D 150 5.31 -23.08 -60.09
C VAL D 150 4.00 -23.07 -60.85
N GLN D 151 3.62 -21.91 -61.40
CA GLN D 151 2.41 -21.84 -62.21
C GLN D 151 2.56 -22.72 -63.45
N MET D 152 3.73 -22.70 -64.07
CA MET D 152 3.98 -23.57 -65.20
C MET D 152 3.85 -25.03 -64.82
N VAL D 153 4.37 -25.40 -63.64
CA VAL D 153 4.28 -26.79 -63.18
C VAL D 153 2.83 -27.18 -62.93
N GLN D 154 2.05 -26.26 -62.35
CA GLN D 154 0.63 -26.53 -62.12
C GLN D 154 -0.11 -26.71 -63.44
N SER D 155 0.18 -25.87 -64.42
CA SER D 155 -0.41 -26.05 -65.74
C SER D 155 -0.01 -27.38 -66.34
N ALA D 156 1.25 -27.79 -66.14
CA ALA D 156 1.71 -29.08 -66.64
C ALA D 156 0.93 -30.22 -66.00
N ALA D 157 0.71 -30.15 -64.69
CA ALA D 157 -0.06 -31.17 -64.00
C ALA D 157 -1.50 -31.21 -64.51
N LEU D 158 -2.11 -30.04 -64.71
CA LEU D 158 -3.47 -29.99 -65.23
C LEU D 158 -3.54 -30.61 -66.62
N ASP D 159 -2.56 -30.31 -67.47
CA ASP D 159 -2.52 -30.89 -68.80
C ASP D 159 -2.33 -32.40 -68.75
N GLU D 160 -1.45 -32.88 -67.86
CA GLU D 160 -1.23 -34.31 -67.72
C GLU D 160 -2.51 -35.01 -67.29
N MET D 161 -3.29 -34.36 -66.42
CA MET D 161 -4.62 -34.87 -66.10
C MET D 161 -5.51 -34.86 -67.35
N PHE D 162 -5.40 -33.82 -68.16
CA PHE D 162 -6.18 -33.68 -69.39
C PHE D 162 -5.65 -34.53 -70.53
N GLN D 163 -4.74 -35.46 -70.24
CA GLN D 163 -4.19 -36.40 -71.23
C GLN D 163 -3.44 -35.70 -72.36
N HIS D 164 -2.92 -34.50 -72.12
CA HIS D 164 -2.15 -33.75 -73.10
C HIS D 164 -0.68 -33.65 -72.68
N ARG D 165 -0.15 -34.73 -72.10
CA ARG D 165 1.20 -34.72 -71.57
C ARG D 165 2.29 -34.74 -72.64
N GLU D 166 1.92 -34.62 -73.92
CA GLU D 166 2.93 -34.64 -74.98
C GLU D 166 3.90 -33.48 -74.85
N GLY D 167 3.37 -32.26 -74.75
CA GLY D 167 4.21 -31.09 -74.60
C GLY D 167 4.47 -30.78 -73.14
N CYS D 168 3.67 -31.38 -72.25
CA CYS D 168 3.85 -31.15 -70.83
C CYS D 168 5.19 -31.70 -70.34
N VAL D 169 5.73 -32.71 -71.01
CA VAL D 169 7.07 -33.20 -70.71
C VAL D 169 8.07 -32.11 -71.02
N PRO D 170 8.00 -31.47 -72.20
CA PRO D 170 8.89 -30.33 -72.46
C PRO D 170 8.71 -29.20 -71.48
N ARG D 171 7.48 -28.92 -71.07
CA ARG D 171 7.25 -27.89 -70.06
C ARG D 171 7.89 -28.26 -68.73
N TYR D 172 7.80 -29.54 -68.35
CA TYR D 172 8.45 -30.00 -67.13
C TYR D 172 9.96 -29.87 -67.23
N HIS D 173 10.53 -30.19 -68.39
CA HIS D 173 11.97 -30.03 -68.57
C HIS D 173 12.39 -28.57 -68.47
N LYS D 174 11.62 -27.68 -69.11
CA LYS D 174 11.92 -26.26 -69.05
C LYS D 174 11.80 -25.73 -67.62
N ALA D 175 10.77 -26.18 -66.89
CA ALA D 175 10.62 -25.77 -65.51
C ALA D 175 11.74 -26.33 -64.64
N LEU D 176 12.23 -27.53 -64.93
CA LEU D 176 13.38 -28.06 -64.21
C LEU D 176 14.63 -27.24 -64.46
N LEU D 177 14.83 -26.81 -65.72
CA LEU D 177 15.95 -25.93 -66.01
C LEU D 177 15.80 -24.59 -65.28
N LEU D 178 14.57 -24.09 -65.21
CA LEU D 178 14.31 -22.87 -64.44
C LEU D 178 14.62 -23.06 -62.97
N LEU D 179 14.26 -24.23 -62.43
CA LEU D 179 14.60 -24.55 -61.04
C LEU D 179 16.10 -24.60 -60.84
N GLU D 180 16.82 -25.16 -61.80
CA GLU D 180 18.27 -25.19 -61.72
C GLU D 180 18.85 -23.78 -61.73
N GLY D 181 18.32 -22.91 -62.59
CA GLY D 181 18.77 -21.53 -62.60
C GLY D 181 18.48 -20.82 -61.29
N LEU D 182 17.29 -21.05 -60.74
CA LEU D 182 16.95 -20.46 -59.45
C LEU D 182 17.86 -20.97 -58.35
N GLN D 183 18.21 -22.26 -58.39
CA GLN D 183 19.14 -22.81 -57.42
C GLN D 183 20.51 -22.15 -57.56
N HIS D 184 20.95 -21.92 -58.80
CA HIS D 184 22.16 -21.14 -59.01
C HIS D 184 22.02 -19.74 -58.44
N MET D 185 20.80 -19.20 -58.42
CA MET D 185 20.50 -17.92 -57.80
C MET D 185 19.96 -18.06 -56.38
N LEU D 186 19.93 -19.27 -55.83
CA LEU D 186 19.34 -19.53 -54.52
C LEU D 186 20.28 -19.05 -53.42
N SER D 187 20.29 -17.72 -53.23
CA SER D 187 21.12 -17.15 -52.18
C SER D 187 20.54 -17.41 -50.79
N ASP D 188 19.23 -17.23 -50.64
CA ASP D 188 18.60 -17.35 -49.33
C ASP D 188 18.45 -18.81 -48.93
N GLN D 189 18.36 -19.04 -47.61
CA GLN D 189 18.12 -20.38 -47.10
C GLN D 189 16.77 -20.92 -47.54
N ALA D 190 15.73 -20.08 -47.45
CA ALA D 190 14.43 -20.49 -47.97
C ALA D 190 14.49 -20.78 -49.45
N ASP D 191 15.38 -20.10 -50.18
CA ASP D 191 15.60 -20.43 -51.58
C ASP D 191 16.17 -21.84 -51.72
N ILE D 192 17.09 -22.22 -50.82
CA ILE D 192 17.66 -23.57 -50.87
C ILE D 192 16.59 -24.61 -50.58
N GLU D 193 15.72 -24.34 -49.60
CA GLU D 193 14.64 -25.27 -49.30
C GLU D 193 13.67 -25.40 -50.47
N ASN D 194 13.33 -24.27 -51.11
CA ASN D 194 12.48 -24.32 -52.29
C ASN D 194 13.16 -25.05 -53.44
N VAL D 195 14.48 -24.94 -53.56
CA VAL D 195 15.21 -25.68 -54.59
C VAL D 195 15.18 -27.17 -54.30
N THR D 196 15.25 -27.56 -53.03
CA THR D 196 15.10 -28.96 -52.67
C THR D 196 13.70 -29.46 -53.02
N LYS D 197 12.68 -28.64 -52.74
CA LYS D 197 11.31 -29.00 -53.12
C LYS D 197 11.19 -29.14 -54.63
N CYS D 198 11.84 -28.24 -55.38
CA CYS D 198 11.83 -28.34 -56.84
C CYS D 198 12.57 -29.56 -57.33
N LYS D 199 13.63 -29.97 -56.64
CA LYS D 199 14.32 -31.21 -56.99
C LYS D 199 13.40 -32.41 -56.79
N LEU D 200 12.67 -32.43 -55.67
CA LEU D 200 11.69 -33.50 -55.47
C LEU D 200 10.62 -33.48 -56.55
N CYS D 201 10.18 -32.28 -56.94
CA CYS D 201 9.19 -32.16 -58.01
C CYS D 201 9.74 -32.66 -59.33
N ILE D 202 11.01 -32.37 -59.62
CA ILE D 202 11.63 -32.84 -60.85
C ILE D 202 11.74 -34.35 -60.83
N GLU D 203 12.03 -34.94 -59.67
CA GLU D 203 12.04 -36.38 -59.55
C GLU D 203 10.66 -36.97 -59.81
N ARG D 204 9.63 -36.33 -59.27
CA ARG D 204 8.27 -36.79 -59.53
C ARG D 204 7.92 -36.69 -61.01
N ARG D 205 8.34 -35.61 -61.65
CA ARG D 205 8.09 -35.44 -63.08
C ARG D 205 8.80 -36.50 -63.91
N LEU D 206 10.06 -36.80 -63.56
CA LEU D 206 10.78 -37.87 -64.23
C LEU D 206 10.09 -39.20 -64.02
N SER D 207 9.52 -39.41 -62.83
CA SER D 207 8.70 -40.60 -62.60
C SER D 207 7.49 -40.62 -63.52
N ALA D 208 6.88 -39.46 -63.74
CA ALA D 208 5.71 -39.37 -64.61
C ALA D 208 6.06 -39.53 -66.09
N LEU D 209 7.34 -39.54 -66.44
CA LEU D 209 7.76 -39.69 -67.83
C LEU D 209 7.44 -41.09 -68.36
N ASP E 13 9.95 4.52 52.60
CA ASP E 13 8.99 3.69 51.88
C ASP E 13 7.73 4.48 51.59
N LEU E 14 7.12 5.01 52.65
CA LEU E 14 5.90 5.79 52.49
C LEU E 14 6.12 6.99 51.60
N GLY E 15 7.24 7.69 51.80
CA GLY E 15 7.59 8.78 50.91
C GLY E 15 7.75 8.30 49.47
N THR E 16 8.31 7.11 49.30
CA THR E 16 8.48 6.55 47.97
C THR E 16 7.17 6.06 47.37
N PHE E 17 6.20 5.71 48.23
CA PHE E 17 4.95 5.12 47.75
C PHE E 17 4.19 6.08 46.84
N TYR E 18 4.40 7.38 46.98
CA TYR E 18 3.61 8.35 46.23
C TYR E 18 3.76 8.15 44.72
N ARG E 19 4.96 7.80 44.27
CA ARG E 19 5.17 7.56 42.85
C ARG E 19 4.28 6.43 42.36
N GLU E 20 4.24 5.33 43.12
CA GLU E 20 3.38 4.21 42.74
C GLU E 20 1.91 4.62 42.76
N PHE E 21 1.47 5.25 43.85
CA PHE E 21 0.07 5.64 43.94
C PHE E 21 -0.28 6.76 42.97
N GLN E 22 0.73 7.42 42.39
CA GLN E 22 0.46 8.50 41.45
C GLN E 22 -0.21 8.01 40.17
N ASN E 23 -0.14 6.71 39.89
CA ASN E 23 -0.65 6.18 38.64
C ASN E 23 -1.94 5.42 38.87
N PRO E 24 -2.93 5.58 38.00
CA PRO E 24 -4.19 4.88 38.18
C PRO E 24 -4.14 3.47 37.62
N PRO E 25 -4.10 2.46 38.48
CA PRO E 25 -4.24 1.07 37.98
C PRO E 25 -5.70 0.69 37.79
N GLN E 26 -6.33 1.35 36.82
CA GLN E 26 -7.79 1.36 36.67
C GLN E 26 -8.38 -0.03 36.48
N LEU E 27 -9.69 -0.14 36.66
CA LEU E 27 -10.40 -1.41 36.53
C LEU E 27 -10.77 -1.71 35.07
N SER E 38 -25.86 1.04 27.73
CA SER E 38 -26.27 -0.22 28.32
C SER E 38 -26.95 0.02 29.67
N MET E 39 -26.87 1.27 30.14
CA MET E 39 -27.37 1.59 31.46
C MET E 39 -28.88 1.42 31.54
N ALA E 40 -29.59 1.69 30.45
CA ALA E 40 -31.04 1.57 30.47
C ALA E 40 -31.49 0.18 30.91
N GLU E 41 -30.68 -0.83 30.63
CA GLU E 41 -30.96 -2.16 31.16
C GLU E 41 -31.05 -2.15 32.67
N ASP E 42 -30.08 -1.50 33.33
CA ASP E 42 -30.13 -1.39 34.78
C ASP E 42 -31.35 -0.59 35.22
N LEU E 43 -31.65 0.50 34.51
CA LEU E 43 -32.80 1.32 34.87
C LEU E 43 -34.09 0.48 34.85
N ASP E 44 -34.18 -0.48 33.93
CA ASP E 44 -35.35 -1.34 33.90
C ASP E 44 -35.50 -2.14 35.19
N SER E 45 -34.43 -2.79 35.63
CA SER E 45 -34.48 -3.63 36.82
C SER E 45 -34.65 -2.83 38.10
N LEU E 46 -34.56 -1.50 38.02
CA LEU E 46 -34.66 -0.68 39.23
C LEU E 46 -35.95 -0.91 39.98
N PRO E 47 -37.12 -0.85 39.36
CA PRO E 47 -38.36 -1.12 40.12
C PRO E 47 -38.37 -2.50 40.75
N GLU E 48 -37.87 -3.51 40.03
CA GLU E 48 -37.88 -4.87 40.55
C GLU E 48 -36.98 -4.99 41.76
N LYS E 49 -35.75 -4.51 41.65
CA LYS E 49 -34.83 -4.57 42.77
C LYS E 49 -35.36 -3.76 43.93
N LEU E 50 -36.03 -2.64 43.64
CA LEU E 50 -36.59 -1.82 44.71
C LEU E 50 -37.66 -2.57 45.48
N ALA E 51 -38.59 -3.20 44.76
CA ALA E 51 -39.64 -3.96 45.44
C ALA E 51 -39.05 -5.13 46.22
N VAL E 52 -38.08 -5.82 45.63
CA VAL E 52 -37.43 -6.92 46.32
C VAL E 52 -36.79 -6.42 47.61
N HIS E 53 -36.12 -5.28 47.54
CA HIS E 53 -35.51 -4.70 48.72
C HIS E 53 -36.57 -4.34 49.75
N GLU E 54 -37.71 -3.82 49.31
CA GLU E 54 -38.76 -3.47 50.25
C GLU E 54 -39.25 -4.69 51.02
N LYS E 55 -39.50 -5.78 50.28
CA LYS E 55 -39.94 -7.01 50.93
C LYS E 55 -38.87 -7.54 51.87
N ASN E 56 -37.62 -7.51 51.42
CA ASN E 56 -36.53 -7.94 52.29
C ASN E 56 -36.42 -7.05 53.52
N VAL E 57 -36.77 -5.78 53.38
CA VAL E 57 -36.73 -4.87 54.52
C VAL E 57 -37.77 -5.25 55.54
N ARG E 58 -39.00 -5.54 55.08
CA ARG E 58 -40.03 -5.99 55.99
C ARG E 58 -39.59 -7.27 56.70
N GLU E 59 -39.05 -8.22 55.94
CA GLU E 59 -38.60 -9.47 56.53
C GLU E 59 -37.48 -9.25 57.54
N PHE E 60 -36.55 -8.37 57.20
CA PHE E 60 -35.42 -8.10 58.09
C PHE E 60 -35.89 -7.41 59.37
N ASP E 61 -36.84 -6.49 59.24
CA ASP E 61 -37.40 -5.86 60.44
C ASP E 61 -38.08 -6.91 61.32
N ALA E 62 -38.80 -7.83 60.70
CA ALA E 62 -39.38 -8.93 61.47
C ALA E 62 -38.30 -9.71 62.19
N PHE E 63 -37.22 -10.04 61.49
CA PHE E 63 -36.11 -10.75 62.11
C PHE E 63 -35.54 -9.96 63.27
N VAL E 64 -35.47 -8.63 63.11
CA VAL E 64 -34.99 -7.77 64.17
C VAL E 64 -35.90 -7.86 65.39
N GLU E 65 -37.21 -7.99 65.15
CA GLU E 65 -38.14 -8.10 66.26
C GLU E 65 -37.84 -9.29 67.15
N THR E 66 -37.11 -10.29 66.65
CA THR E 66 -36.77 -11.45 67.45
C THR E 66 -35.92 -11.09 68.67
N LEU E 67 -35.27 -9.93 68.66
CA LEU E 67 -34.43 -9.53 69.78
C LEU E 67 -35.27 -9.29 71.03
N ASP F 13 3.60 -39.91 -58.46
CA ASP F 13 4.28 -38.84 -59.18
C ASP F 13 3.31 -37.71 -59.48
N LEU F 14 2.25 -38.03 -60.22
CA LEU F 14 1.24 -37.02 -60.53
C LEU F 14 0.56 -36.50 -59.27
N GLY F 15 0.24 -37.40 -58.34
CA GLY F 15 -0.36 -36.97 -57.08
C GLY F 15 0.56 -36.05 -56.30
N THR F 16 1.86 -36.37 -56.27
CA THR F 16 2.82 -35.51 -55.59
C THR F 16 2.91 -34.15 -56.26
N PHE F 17 2.87 -34.13 -57.59
CA PHE F 17 2.90 -32.85 -58.30
C PHE F 17 1.66 -32.02 -57.97
N TYR F 18 0.50 -32.66 -57.93
CA TYR F 18 -0.73 -31.95 -57.59
C TYR F 18 -0.66 -31.41 -56.17
N ARG F 19 -0.13 -32.20 -55.24
CA ARG F 19 0.04 -31.72 -53.88
C ARG F 19 0.97 -30.52 -53.82
N GLU F 20 2.07 -30.58 -54.58
CA GLU F 20 2.97 -29.43 -54.66
C GLU F 20 2.25 -28.21 -55.21
N PHE F 21 1.40 -28.41 -56.21
CA PHE F 21 0.55 -27.31 -56.68
C PHE F 21 -0.42 -26.87 -55.59
N GLN F 22 -1.00 -27.82 -54.86
CA GLN F 22 -1.91 -27.47 -53.78
C GLN F 22 -1.20 -26.72 -52.65
N ASN F 23 0.11 -26.92 -52.51
CA ASN F 23 0.88 -26.28 -51.44
C ASN F 23 2.27 -25.97 -51.95
N PRO F 24 2.42 -24.88 -52.70
CA PRO F 24 3.74 -24.49 -53.18
C PRO F 24 4.59 -23.94 -52.05
N PRO F 25 5.92 -24.02 -52.18
CA PRO F 25 6.79 -23.47 -51.12
C PRO F 25 6.73 -21.95 -51.07
N GLN F 26 7.51 -21.34 -50.19
CA GLN F 26 7.51 -19.90 -50.02
C GLN F 26 8.91 -19.43 -49.65
N LEU F 27 9.13 -18.12 -49.80
CA LEU F 27 10.40 -17.51 -49.46
C LEU F 27 10.49 -17.25 -47.96
N SER F 38 9.58 -0.67 -48.81
CA SER F 38 11.00 -0.76 -48.49
C SER F 38 11.82 -1.03 -49.74
N MET F 39 11.15 -1.49 -50.81
CA MET F 39 11.83 -1.77 -52.05
C MET F 39 12.39 -0.51 -52.70
N ALA F 40 11.97 0.66 -52.24
CA ALA F 40 12.51 1.91 -52.77
C ALA F 40 14.01 2.01 -52.59
N GLU F 41 14.58 1.32 -51.60
CA GLU F 41 16.02 1.29 -51.42
C GLU F 41 16.70 0.81 -52.70
N ASP F 42 16.18 -0.26 -53.29
CA ASP F 42 16.70 -0.71 -54.58
C ASP F 42 16.18 0.15 -55.73
N LEU F 43 14.94 0.65 -55.61
CA LEU F 43 14.33 1.37 -56.71
C LEU F 43 15.07 2.65 -57.05
N ASP F 44 15.49 3.40 -56.03
CA ASP F 44 16.12 4.70 -56.28
C ASP F 44 17.44 4.55 -57.02
N SER F 45 18.21 3.52 -56.72
CA SER F 45 19.51 3.31 -57.36
C SER F 45 19.40 2.89 -58.82
N LEU F 46 18.19 2.88 -59.39
CA LEU F 46 18.01 2.40 -60.76
C LEU F 46 18.83 3.17 -61.78
N PRO F 47 18.77 4.51 -61.85
CA PRO F 47 19.60 5.22 -62.84
C PRO F 47 21.09 4.99 -62.64
N GLU F 48 21.54 4.90 -61.39
CA GLU F 48 22.96 4.67 -61.13
C GLU F 48 23.39 3.31 -61.65
N LYS F 49 22.63 2.27 -61.31
CA LYS F 49 22.96 0.94 -61.81
C LYS F 49 22.85 0.90 -63.34
N LEU F 50 21.94 1.68 -63.92
CA LEU F 50 21.83 1.74 -65.37
C LEU F 50 23.08 2.32 -65.99
N ALA F 51 23.59 3.41 -65.42
CA ALA F 51 24.84 3.99 -65.92
C ALA F 51 26.01 3.04 -65.76
N VAL F 52 26.07 2.36 -64.61
CA VAL F 52 27.15 1.41 -64.37
C VAL F 52 27.10 0.28 -65.39
N HIS F 53 25.90 -0.25 -65.64
CA HIS F 53 25.75 -1.31 -66.62
C HIS F 53 26.11 -0.81 -68.02
N GLU F 54 25.73 0.42 -68.35
CA GLU F 54 26.08 0.97 -69.66
C GLU F 54 27.59 1.05 -69.82
N LYS F 55 28.29 1.51 -68.78
CA LYS F 55 29.74 1.58 -68.85
C LYS F 55 30.36 0.18 -68.97
N ASN F 56 29.85 -0.78 -68.21
CA ASN F 56 30.38 -2.14 -68.28
C ASN F 56 30.14 -2.74 -69.66
N VAL F 57 28.98 -2.45 -70.24
CA VAL F 57 28.67 -2.96 -71.58
C VAL F 57 29.60 -2.34 -72.61
N ARG F 58 29.87 -1.05 -72.50
CA ARG F 58 30.81 -0.42 -73.42
C ARG F 58 32.20 -1.03 -73.28
N GLU F 59 32.63 -1.25 -72.04
CA GLU F 59 33.94 -1.86 -71.80
C GLU F 59 34.02 -3.25 -72.42
N PHE F 60 32.98 -4.07 -72.21
CA PHE F 60 32.97 -5.39 -72.81
C PHE F 60 32.87 -5.32 -74.32
N ASP F 61 32.19 -4.30 -74.85
CA ASP F 61 32.11 -4.12 -76.29
C ASP F 61 33.49 -3.86 -76.88
N ALA F 62 34.28 -3.04 -76.19
CA ALA F 62 35.68 -2.87 -76.59
C ALA F 62 36.45 -4.18 -76.43
N PHE F 63 36.20 -4.91 -75.34
CA PHE F 63 36.99 -6.10 -75.03
C PHE F 63 36.76 -7.21 -76.05
N VAL F 64 35.53 -7.35 -76.53
CA VAL F 64 35.17 -8.47 -77.39
C VAL F 64 35.98 -8.51 -78.68
N GLU F 65 36.54 -7.37 -79.10
CA GLU F 65 37.37 -7.35 -80.29
C GLU F 65 38.66 -8.15 -80.11
N THR F 66 39.01 -8.51 -78.87
CA THR F 66 40.23 -9.25 -78.61
C THR F 66 40.12 -10.72 -79.01
N LEU F 67 38.93 -11.18 -79.38
CA LEU F 67 38.73 -12.59 -79.75
C LEU F 67 39.66 -13.04 -80.86
#